data_2MH1
#
_entry.id   2MH1
#
_entity_poly.entity_id   1
_entity_poly.type   'polypeptide(L)'
_entity_poly.pdbx_seq_one_letter_code
;GGGCGETCVGGTCNTPGCTCSWPVCTRNGLPVT
;
_entity_poly.pdbx_strand_id   A
#
# COMPACT_ATOMS: atom_id res chain seq x y z
N GLY A 1 -10.41 -3.22 -0.64
CA GLY A 1 -9.85 -4.22 -1.49
C GLY A 1 -9.04 -5.16 -0.66
N GLY A 2 -8.24 -5.98 -1.27
CA GLY A 2 -7.40 -6.89 -0.53
C GLY A 2 -6.11 -6.22 -0.12
N GLY A 3 -6.23 -5.26 0.77
CA GLY A 3 -5.09 -4.48 1.20
C GLY A 3 -4.81 -3.41 0.18
N CYS A 4 -3.65 -3.42 -0.38
CA CYS A 4 -3.29 -2.53 -1.45
C CYS A 4 -2.43 -3.28 -2.43
N GLY A 5 -2.98 -3.59 -3.58
CA GLY A 5 -2.27 -4.38 -4.56
C GLY A 5 -1.33 -3.57 -5.41
N GLU A 6 -1.14 -2.32 -5.05
CA GLU A 6 -0.27 -1.47 -5.80
C GLU A 6 1.13 -1.57 -5.24
N THR A 7 2.09 -1.26 -6.04
CA THR A 7 3.44 -1.30 -5.61
C THR A 7 3.99 0.11 -5.44
N CYS A 8 5.07 0.22 -4.71
CA CYS A 8 5.68 1.50 -4.44
C CYS A 8 7.12 1.45 -4.80
N VAL A 9 7.41 0.71 -5.85
CA VAL A 9 8.78 0.48 -6.36
C VAL A 9 9.55 1.81 -6.57
N GLY A 10 8.84 2.82 -7.02
CA GLY A 10 9.44 4.12 -7.21
C GLY A 10 9.79 4.78 -5.89
N GLY A 11 8.95 4.60 -4.88
CA GLY A 11 9.25 5.16 -3.60
C GLY A 11 8.06 5.39 -2.68
N THR A 12 6.86 5.47 -3.21
CA THR A 12 5.68 5.74 -2.41
C THR A 12 4.47 5.18 -3.17
N CYS A 13 3.38 5.06 -2.50
CA CYS A 13 2.14 4.58 -3.07
C CYS A 13 1.29 5.77 -3.51
N ASN A 14 0.30 5.52 -4.31
CA ASN A 14 -0.54 6.59 -4.84
C ASN A 14 -1.74 6.78 -3.96
N THR A 15 -2.17 5.71 -3.35
CA THR A 15 -3.27 5.76 -2.43
C THR A 15 -2.71 6.01 -1.02
N PRO A 16 -3.11 7.12 -0.36
CA PRO A 16 -2.57 7.51 0.97
C PRO A 16 -3.01 6.63 2.11
N GLY A 17 -3.83 5.72 1.78
CA GLY A 17 -4.31 4.72 2.72
C GLY A 17 -3.38 3.52 2.72
N CYS A 18 -2.51 3.50 1.75
CA CYS A 18 -1.57 2.45 1.58
C CYS A 18 -0.21 2.92 2.04
N THR A 19 0.52 2.03 2.61
CA THR A 19 1.83 2.29 3.10
C THR A 19 2.79 1.50 2.24
N CYS A 20 3.97 1.98 2.11
CA CYS A 20 4.93 1.33 1.31
C CYS A 20 5.71 0.33 2.14
N SER A 21 5.61 -0.89 1.75
CA SER A 21 6.36 -1.97 2.27
C SER A 21 7.18 -2.45 1.08
N TRP A 22 8.04 -1.56 0.62
CA TRP A 22 8.80 -1.65 -0.59
C TRP A 22 9.27 -3.07 -0.91
N PRO A 23 9.06 -3.48 -2.17
CA PRO A 23 8.47 -2.63 -3.19
C PRO A 23 6.93 -2.70 -3.29
N VAL A 24 6.26 -3.29 -2.30
CA VAL A 24 4.82 -3.46 -2.37
C VAL A 24 4.06 -2.58 -1.37
N CYS A 25 2.92 -2.07 -1.73
CA CYS A 25 2.15 -1.32 -0.82
C CYS A 25 1.28 -2.23 0.01
N THR A 26 0.98 -1.78 1.18
CA THR A 26 0.09 -2.44 2.08
C THR A 26 -0.90 -1.42 2.59
N ARG A 27 -1.77 -1.80 3.47
CA ARG A 27 -2.72 -0.92 4.02
C ARG A 27 -2.54 -0.97 5.51
N ASN A 28 -2.39 0.15 6.09
CA ASN A 28 -2.06 0.23 7.51
C ASN A 28 -3.25 0.09 8.46
N GLY A 29 -3.81 -1.11 8.50
CA GLY A 29 -4.89 -1.44 9.42
C GLY A 29 -6.22 -0.75 9.11
N LEU A 30 -6.26 -0.05 8.01
CA LEU A 30 -7.43 0.70 7.61
C LEU A 30 -8.46 -0.21 7.00
N PRO A 31 -9.72 0.24 6.93
CA PRO A 31 -10.80 -0.54 6.34
C PRO A 31 -10.42 -0.94 4.93
N VAL A 32 -10.67 -2.18 4.60
CA VAL A 32 -10.27 -2.72 3.38
C VAL A 32 -11.33 -2.67 2.32
N THR A 33 -11.15 -1.79 1.38
CA THR A 33 -12.02 -1.68 0.24
C THR A 33 -11.60 -2.70 -0.83
N GLY A 1 -9.97 -7.71 0.85
CA GLY A 1 -9.29 -8.44 -0.17
C GLY A 1 -7.87 -8.70 0.24
N GLY A 2 -6.94 -8.22 -0.53
CA GLY A 2 -5.54 -8.43 -0.23
C GLY A 2 -4.97 -7.27 0.53
N GLY A 3 -5.31 -6.08 0.10
CA GLY A 3 -4.81 -4.87 0.71
C GLY A 3 -4.63 -3.82 -0.35
N CYS A 4 -3.44 -3.59 -0.74
CA CYS A 4 -3.17 -2.67 -1.79
C CYS A 4 -2.32 -3.37 -2.82
N GLY A 5 -2.91 -3.66 -3.95
CA GLY A 5 -2.22 -4.36 -5.01
C GLY A 5 -1.27 -3.48 -5.77
N GLU A 6 -1.08 -2.28 -5.30
CA GLU A 6 -0.18 -1.37 -5.92
C GLU A 6 1.17 -1.54 -5.31
N THR A 7 2.15 -1.29 -6.07
CA THR A 7 3.46 -1.36 -5.61
C THR A 7 4.05 0.03 -5.52
N CYS A 8 5.01 0.22 -4.66
CA CYS A 8 5.63 1.49 -4.44
C CYS A 8 7.07 1.43 -4.80
N VAL A 9 7.35 0.69 -5.83
CA VAL A 9 8.73 0.48 -6.33
C VAL A 9 9.39 1.83 -6.62
N GLY A 10 8.58 2.77 -7.10
CA GLY A 10 9.05 4.11 -7.39
C GLY A 10 9.47 4.86 -6.14
N GLY A 11 8.90 4.49 -5.02
CA GLY A 11 9.26 5.12 -3.77
C GLY A 11 8.06 5.43 -2.88
N THR A 12 6.87 5.53 -3.44
CA THR A 12 5.70 5.90 -2.70
C THR A 12 4.50 5.24 -3.35
N CYS A 13 3.46 5.12 -2.62
CA CYS A 13 2.20 4.57 -3.09
C CYS A 13 1.32 5.74 -3.50
N ASN A 14 0.37 5.52 -4.37
CA ASN A 14 -0.51 6.58 -4.85
C ASN A 14 -1.71 6.73 -3.96
N THR A 15 -1.99 5.72 -3.19
CA THR A 15 -3.05 5.78 -2.24
C THR A 15 -2.44 6.02 -0.85
N PRO A 16 -2.87 7.09 -0.14
CA PRO A 16 -2.33 7.45 1.20
C PRO A 16 -2.68 6.43 2.27
N GLY A 17 -3.59 5.64 1.92
CA GLY A 17 -4.06 4.58 2.77
C GLY A 17 -3.18 3.37 2.65
N CYS A 18 -2.35 3.38 1.64
CA CYS A 18 -1.48 2.31 1.38
C CYS A 18 -0.09 2.67 1.84
N THR A 19 0.47 1.85 2.66
CA THR A 19 1.77 2.04 3.23
C THR A 19 2.78 1.43 2.30
N CYS A 20 3.92 2.04 2.17
CA CYS A 20 4.93 1.47 1.33
C CYS A 20 5.77 0.51 2.13
N SER A 21 5.51 -0.73 1.92
CA SER A 21 6.24 -1.81 2.48
C SER A 21 7.08 -2.33 1.32
N TRP A 22 7.89 -1.41 0.80
CA TRP A 22 8.67 -1.51 -0.42
C TRP A 22 9.17 -2.92 -0.68
N PRO A 23 8.99 -3.37 -1.92
CA PRO A 23 8.39 -2.57 -2.98
C PRO A 23 6.85 -2.68 -3.08
N VAL A 24 6.20 -3.27 -2.10
CA VAL A 24 4.76 -3.46 -2.19
C VAL A 24 3.98 -2.57 -1.22
N CYS A 25 2.84 -2.08 -1.62
CA CYS A 25 2.04 -1.30 -0.76
C CYS A 25 1.07 -2.18 0.05
N THR A 26 0.77 -1.76 1.24
CA THR A 26 -0.17 -2.44 2.13
C THR A 26 -1.12 -1.43 2.72
N ARG A 27 -1.88 -1.78 3.72
CA ARG A 27 -2.79 -0.89 4.33
C ARG A 27 -2.45 -0.76 5.79
N ASN A 28 -2.49 0.44 6.26
CA ASN A 28 -2.27 0.73 7.67
C ASN A 28 -3.47 1.48 8.21
N GLY A 29 -3.93 1.06 9.38
CA GLY A 29 -5.08 1.69 10.04
C GLY A 29 -6.34 1.60 9.20
N LEU A 30 -6.37 0.63 8.32
CA LEU A 30 -7.47 0.46 7.41
C LEU A 30 -7.97 -0.95 7.42
N PRO A 31 -9.22 -1.13 7.01
CA PRO A 31 -9.80 -2.43 6.84
C PRO A 31 -9.22 -3.08 5.61
N VAL A 32 -8.91 -4.33 5.70
CA VAL A 32 -8.35 -5.01 4.58
C VAL A 32 -9.44 -5.75 3.86
N THR A 33 -9.81 -5.20 2.78
CA THR A 33 -10.81 -5.76 1.95
C THR A 33 -10.14 -6.42 0.75
N GLY A 1 -7.78 -7.82 1.39
CA GLY A 1 -7.07 -8.34 0.24
C GLY A 1 -5.59 -8.16 0.42
N GLY A 2 -5.00 -7.42 -0.48
CA GLY A 2 -3.60 -7.13 -0.37
C GLY A 2 -3.38 -5.73 0.15
N GLY A 3 -4.49 -5.07 0.48
CA GLY A 3 -4.44 -3.69 0.93
C GLY A 3 -4.38 -2.77 -0.25
N CYS A 4 -3.37 -2.97 -1.03
CA CYS A 4 -3.14 -2.30 -2.26
C CYS A 4 -2.38 -3.22 -3.15
N GLY A 5 -2.81 -3.32 -4.38
CA GLY A 5 -2.12 -4.14 -5.34
C GLY A 5 -1.04 -3.35 -6.03
N GLU A 6 -1.02 -2.07 -5.73
CA GLU A 6 -0.06 -1.18 -6.28
C GLU A 6 1.28 -1.35 -5.57
N THR A 7 2.33 -1.16 -6.28
CA THR A 7 3.61 -1.35 -5.75
C THR A 7 4.27 0.00 -5.48
N CYS A 8 5.20 0.02 -4.57
CA CYS A 8 5.88 1.24 -4.22
C CYS A 8 7.35 1.09 -4.52
N VAL A 9 7.63 0.47 -5.65
CA VAL A 9 9.01 0.20 -6.09
C VAL A 9 9.83 1.50 -6.16
N GLY A 10 9.18 2.58 -6.57
CA GLY A 10 9.85 3.87 -6.65
C GLY A 10 9.69 4.67 -5.37
N GLY A 11 9.07 4.07 -4.39
CA GLY A 11 8.87 4.71 -3.11
C GLY A 11 7.65 5.61 -3.09
N THR A 12 6.56 5.15 -3.69
CA THR A 12 5.36 5.92 -3.71
C THR A 12 4.15 5.04 -3.87
N CYS A 13 3.08 5.51 -3.35
CA CYS A 13 1.79 4.86 -3.38
C CYS A 13 0.73 5.93 -3.66
N ASN A 14 -0.30 5.57 -4.38
CA ASN A 14 -1.38 6.48 -4.76
C ASN A 14 -2.44 6.51 -3.68
N THR A 15 -2.71 5.37 -3.12
CA THR A 15 -3.66 5.26 -2.05
C THR A 15 -3.00 5.73 -0.74
N PRO A 16 -3.55 6.78 -0.06
CA PRO A 16 -2.93 7.37 1.16
C PRO A 16 -3.06 6.48 2.38
N GLY A 17 -3.81 5.48 2.20
CA GLY A 17 -4.04 4.49 3.21
C GLY A 17 -3.08 3.35 3.04
N CYS A 18 -2.33 3.43 1.97
CA CYS A 18 -1.36 2.46 1.67
C CYS A 18 0.02 3.02 1.83
N THR A 19 0.75 2.33 2.61
CA THR A 19 2.05 2.62 3.04
C THR A 19 3.01 1.80 2.20
N CYS A 20 4.20 2.26 2.05
CA CYS A 20 5.17 1.55 1.28
C CYS A 20 5.85 0.53 2.15
N SER A 21 5.69 -0.69 1.80
CA SER A 21 6.40 -1.77 2.40
C SER A 21 7.04 -2.44 1.22
N TRP A 22 8.09 -1.78 0.74
CA TRP A 22 8.79 -2.11 -0.47
C TRP A 22 8.94 -3.61 -0.68
N PRO A 23 8.66 -4.05 -1.90
CA PRO A 23 8.25 -3.17 -2.99
C PRO A 23 6.73 -2.99 -3.13
N VAL A 24 5.95 -3.35 -2.13
CA VAL A 24 4.51 -3.27 -2.27
C VAL A 24 3.84 -2.28 -1.32
N CYS A 25 2.78 -1.65 -1.78
CA CYS A 25 2.02 -0.83 -0.94
C CYS A 25 1.05 -1.68 -0.15
N THR A 26 0.99 -1.45 1.11
CA THR A 26 0.13 -2.16 2.02
C THR A 26 -0.52 -1.16 2.95
N ARG A 27 -1.29 -1.58 3.89
CA ARG A 27 -1.95 -0.67 4.74
C ARG A 27 -1.43 -0.79 6.16
N ASN A 28 -0.66 0.18 6.59
CA ASN A 28 -0.12 0.17 7.97
C ASN A 28 -1.21 0.37 9.01
N GLY A 29 -1.26 -0.54 9.98
CA GLY A 29 -2.18 -0.44 11.10
C GLY A 29 -3.64 -0.46 10.70
N LEU A 30 -3.92 -1.05 9.58
CA LEU A 30 -5.25 -1.05 9.03
C LEU A 30 -5.74 -2.44 8.75
N PRO A 31 -7.05 -2.66 8.94
CA PRO A 31 -7.71 -3.95 8.67
C PRO A 31 -7.40 -4.54 7.32
N VAL A 32 -7.18 -5.82 7.30
CA VAL A 32 -6.82 -6.51 6.11
C VAL A 32 -7.97 -6.60 5.11
N THR A 33 -7.71 -6.06 3.98
CA THR A 33 -8.62 -6.11 2.88
C THR A 33 -7.87 -6.53 1.60
N GLY A 1 -9.73 -8.84 2.28
CA GLY A 1 -9.25 -9.96 1.50
C GLY A 1 -8.26 -9.51 0.48
N GLY A 2 -7.39 -8.66 0.91
CA GLY A 2 -6.40 -8.08 0.07
C GLY A 2 -6.12 -6.70 0.54
N GLY A 3 -4.87 -6.38 0.75
CA GLY A 3 -4.51 -5.07 1.21
C GLY A 3 -4.57 -4.05 0.10
N CYS A 4 -3.48 -3.81 -0.53
CA CYS A 4 -3.41 -2.85 -1.58
C CYS A 4 -2.73 -3.45 -2.77
N GLY A 5 -3.29 -3.24 -3.95
CA GLY A 5 -2.68 -3.74 -5.17
C GLY A 5 -1.71 -2.73 -5.73
N GLU A 6 -1.33 -1.81 -4.89
CA GLU A 6 -0.43 -0.74 -5.21
C GLU A 6 0.98 -1.16 -4.93
N THR A 7 1.89 -0.62 -5.66
CA THR A 7 3.27 -0.86 -5.46
C THR A 7 4.01 0.46 -5.27
N CYS A 8 5.09 0.44 -4.54
CA CYS A 8 5.81 1.63 -4.23
C CYS A 8 7.27 1.42 -4.51
N VAL A 9 7.53 0.78 -5.61
CA VAL A 9 8.89 0.47 -6.04
C VAL A 9 9.66 1.77 -6.29
N GLY A 10 8.93 2.78 -6.74
CA GLY A 10 9.50 4.07 -6.99
C GLY A 10 9.54 4.93 -5.74
N GLY A 11 9.02 4.40 -4.65
CA GLY A 11 9.07 5.07 -3.39
C GLY A 11 7.72 5.60 -2.90
N THR A 12 6.70 5.57 -3.72
CA THR A 12 5.45 6.15 -3.32
C THR A 12 4.29 5.25 -3.73
N CYS A 13 3.24 5.34 -3.00
CA CYS A 13 2.01 4.66 -3.29
C CYS A 13 1.00 5.69 -3.78
N ASN A 14 0.26 5.35 -4.84
CA ASN A 14 -0.79 6.25 -5.36
C ASN A 14 -1.89 6.40 -4.33
N THR A 15 -2.27 5.29 -3.76
CA THR A 15 -3.23 5.28 -2.70
C THR A 15 -2.50 5.56 -1.36
N PRO A 16 -2.77 6.73 -0.73
CA PRO A 16 -2.07 7.18 0.49
C PRO A 16 -2.50 6.46 1.74
N GLY A 17 -3.43 5.61 1.55
CA GLY A 17 -3.94 4.76 2.63
C GLY A 17 -3.10 3.52 2.76
N CYS A 18 -2.25 3.32 1.79
CA CYS A 18 -1.40 2.20 1.74
C CYS A 18 0.02 2.61 2.07
N THR A 19 0.64 1.86 2.92
CA THR A 19 1.96 2.11 3.40
C THR A 19 2.96 1.44 2.47
N CYS A 20 4.13 1.97 2.37
CA CYS A 20 5.10 1.37 1.52
C CYS A 20 5.91 0.32 2.24
N SER A 21 5.59 -0.89 1.95
CA SER A 21 6.30 -2.03 2.41
C SER A 21 7.05 -2.53 1.20
N TRP A 22 7.99 -1.69 0.75
CA TRP A 22 8.73 -1.83 -0.47
C TRP A 22 9.06 -3.27 -0.79
N PRO A 23 8.83 -3.66 -2.04
CA PRO A 23 8.34 -2.76 -3.08
C PRO A 23 6.80 -2.66 -3.20
N VAL A 24 6.06 -3.20 -2.26
CA VAL A 24 4.62 -3.20 -2.37
C VAL A 24 3.96 -2.29 -1.35
N CYS A 25 2.80 -1.80 -1.66
CA CYS A 25 2.08 -1.05 -0.73
C CYS A 25 1.14 -1.95 0.05
N THR A 26 1.11 -1.76 1.31
CA THR A 26 0.28 -2.53 2.20
C THR A 26 -0.75 -1.65 2.88
N ARG A 27 -1.49 -2.19 3.79
CA ARG A 27 -2.51 -1.48 4.42
C ARG A 27 -2.18 -1.25 5.87
N ASN A 28 -2.67 -0.18 6.35
CA ASN A 28 -2.56 0.18 7.76
C ASN A 28 -3.92 0.69 8.19
N GLY A 29 -4.43 0.17 9.28
CA GLY A 29 -5.73 0.60 9.82
C GLY A 29 -6.93 0.06 9.03
N LEU A 30 -6.76 -0.07 7.73
CA LEU A 30 -7.77 -0.51 6.80
C LEU A 30 -8.34 -1.88 7.12
N PRO A 31 -9.63 -2.03 6.91
CA PRO A 31 -10.34 -3.25 7.24
C PRO A 31 -9.94 -4.39 6.33
N VAL A 32 -9.97 -5.58 6.87
CA VAL A 32 -9.61 -6.74 6.12
C VAL A 32 -10.67 -6.98 5.08
N THR A 33 -10.28 -6.84 3.88
CA THR A 33 -11.19 -6.94 2.77
C THR A 33 -10.77 -8.13 1.87
N GLY A 1 -10.93 -3.61 1.79
CA GLY A 1 -10.04 -4.42 1.00
C GLY A 1 -9.11 -5.14 1.92
N GLY A 2 -8.40 -6.10 1.41
CA GLY A 2 -7.50 -6.88 2.23
C GLY A 2 -6.11 -6.27 2.29
N GLY A 3 -5.81 -5.44 1.35
CA GLY A 3 -4.52 -4.83 1.28
C GLY A 3 -4.47 -3.81 0.21
N CYS A 4 -3.37 -3.76 -0.51
CA CYS A 4 -3.23 -2.82 -1.59
C CYS A 4 -2.47 -3.49 -2.72
N GLY A 5 -2.95 -3.29 -3.93
CA GLY A 5 -2.37 -3.93 -5.08
C GLY A 5 -1.37 -3.05 -5.77
N GLU A 6 -1.24 -1.86 -5.27
CA GLU A 6 -0.29 -0.93 -5.78
C GLU A 6 1.07 -1.17 -5.17
N THR A 7 2.06 -1.04 -5.97
CA THR A 7 3.40 -1.23 -5.58
C THR A 7 4.11 0.12 -5.47
N CYS A 8 5.13 0.19 -4.64
CA CYS A 8 5.84 1.43 -4.42
C CYS A 8 7.29 1.24 -4.75
N VAL A 9 7.52 0.48 -5.77
CA VAL A 9 8.87 0.16 -6.24
C VAL A 9 9.61 1.45 -6.62
N GLY A 10 8.86 2.40 -7.14
CA GLY A 10 9.40 3.67 -7.54
C GLY A 10 9.44 4.68 -6.41
N GLY A 11 9.09 4.26 -5.20
CA GLY A 11 9.15 5.16 -4.07
C GLY A 11 8.03 4.98 -3.06
N THR A 12 6.82 5.33 -3.44
CA THR A 12 5.68 5.31 -2.55
C THR A 12 4.41 5.19 -3.44
N CYS A 13 3.33 4.85 -2.88
CA CYS A 13 2.08 4.73 -3.60
C CYS A 13 1.28 6.02 -3.48
N ASN A 14 0.38 6.23 -4.42
CA ASN A 14 -0.43 7.42 -4.44
C ASN A 14 -1.65 7.27 -3.54
N THR A 15 -2.08 6.04 -3.35
CA THR A 15 -3.19 5.73 -2.47
C THR A 15 -2.75 5.94 -0.99
N PRO A 16 -3.33 6.95 -0.29
CA PRO A 16 -2.88 7.37 1.06
C PRO A 16 -3.20 6.39 2.18
N GLY A 17 -3.97 5.46 1.84
CA GLY A 17 -4.37 4.43 2.77
C GLY A 17 -3.46 3.23 2.66
N CYS A 18 -2.58 3.27 1.70
CA CYS A 18 -1.65 2.22 1.48
C CYS A 18 -0.27 2.68 1.89
N THR A 19 0.33 1.92 2.73
CA THR A 19 1.62 2.20 3.24
C THR A 19 2.64 1.46 2.40
N CYS A 20 3.76 2.05 2.20
CA CYS A 20 4.78 1.44 1.41
C CYS A 20 5.64 0.57 2.29
N SER A 21 5.76 -0.62 1.89
CA SER A 21 6.61 -1.55 2.49
C SER A 21 7.33 -2.18 1.33
N TRP A 22 8.23 -1.34 0.76
CA TRP A 22 8.95 -1.57 -0.46
C TRP A 22 9.33 -3.03 -0.66
N PRO A 23 9.09 -3.53 -1.85
CA PRO A 23 8.56 -2.74 -2.96
C PRO A 23 7.02 -2.72 -3.09
N VAL A 24 6.31 -3.21 -2.11
CA VAL A 24 4.87 -3.30 -2.26
C VAL A 24 4.13 -2.47 -1.22
N CYS A 25 2.97 -1.99 -1.55
CA CYS A 25 2.19 -1.29 -0.62
C CYS A 25 1.17 -2.20 0.02
N THR A 26 0.88 -1.89 1.24
CA THR A 26 -0.09 -2.58 2.03
C THR A 26 -0.96 -1.59 2.76
N ARG A 27 -1.69 -2.02 3.74
CA ARG A 27 -2.59 -1.20 4.40
C ARG A 27 -2.11 -0.89 5.79
N ASN A 28 -2.55 0.22 6.26
CA ASN A 28 -2.28 0.64 7.66
C ASN A 28 -3.20 -0.12 8.59
N GLY A 29 -4.27 -0.56 8.02
CA GLY A 29 -5.27 -1.26 8.77
C GLY A 29 -6.48 -0.40 8.99
N LEU A 30 -6.89 0.30 7.95
CA LEU A 30 -8.06 1.16 7.99
C LEU A 30 -9.28 0.23 7.93
N PRO A 31 -10.53 0.71 8.23
CA PRO A 31 -11.74 -0.13 8.16
C PRO A 31 -11.75 -0.91 6.86
N VAL A 32 -12.09 -2.16 6.93
CA VAL A 32 -11.89 -3.08 5.82
C VAL A 32 -12.78 -2.78 4.64
N THR A 33 -12.14 -2.36 3.60
CA THR A 33 -12.73 -2.12 2.31
C THR A 33 -11.93 -2.95 1.28
N GLY A 1 -9.20 -8.03 1.14
CA GLY A 1 -8.70 -9.07 0.28
C GLY A 1 -7.28 -8.79 -0.08
N GLY A 2 -6.39 -9.23 0.78
CA GLY A 2 -5.00 -8.93 0.59
C GLY A 2 -4.68 -7.58 1.17
N GLY A 3 -5.11 -6.55 0.48
CA GLY A 3 -4.88 -5.22 0.93
C GLY A 3 -4.84 -4.25 -0.21
N CYS A 4 -3.66 -3.89 -0.59
CA CYS A 4 -3.45 -2.95 -1.66
C CYS A 4 -2.67 -3.61 -2.77
N GLY A 5 -3.08 -3.42 -4.00
CA GLY A 5 -2.36 -3.95 -5.14
C GLY A 5 -1.43 -2.91 -5.71
N GLU A 6 -1.22 -1.87 -4.92
CA GLU A 6 -0.36 -0.78 -5.26
C GLU A 6 1.04 -1.18 -4.97
N THR A 7 1.95 -0.66 -5.70
CA THR A 7 3.30 -0.92 -5.49
C THR A 7 4.04 0.39 -5.28
N CYS A 8 5.10 0.35 -4.53
CA CYS A 8 5.85 1.52 -4.21
C CYS A 8 7.29 1.31 -4.54
N VAL A 9 7.52 0.75 -5.70
CA VAL A 9 8.88 0.44 -6.17
C VAL A 9 9.75 1.71 -6.20
N GLY A 10 9.14 2.83 -6.52
CA GLY A 10 9.85 4.09 -6.49
C GLY A 10 9.93 4.63 -5.07
N GLY A 11 8.91 4.33 -4.29
CA GLY A 11 8.87 4.75 -2.92
C GLY A 11 7.63 5.53 -2.57
N THR A 12 6.63 5.49 -3.40
CA THR A 12 5.42 6.21 -3.15
C THR A 12 4.25 5.32 -3.56
N CYS A 13 3.15 5.56 -2.97
CA CYS A 13 1.94 4.87 -3.32
C CYS A 13 0.91 5.90 -3.69
N ASN A 14 0.18 5.62 -4.74
CA ASN A 14 -0.89 6.48 -5.21
C ASN A 14 -2.00 6.54 -4.20
N THR A 15 -2.46 5.38 -3.79
CA THR A 15 -3.47 5.25 -2.77
C THR A 15 -2.84 5.58 -1.39
N PRO A 16 -3.23 6.70 -0.74
CA PRO A 16 -2.59 7.21 0.50
C PRO A 16 -2.91 6.40 1.74
N GLY A 17 -3.74 5.47 1.56
CA GLY A 17 -4.12 4.56 2.63
C GLY A 17 -3.15 3.41 2.70
N CYS A 18 -2.37 3.28 1.66
CA CYS A 18 -1.41 2.23 1.57
C CYS A 18 -0.02 2.79 1.83
N THR A 19 0.69 2.14 2.71
CA THR A 19 2.02 2.51 3.11
C THR A 19 3.01 1.70 2.28
N CYS A 20 4.21 2.18 2.14
CA CYS A 20 5.19 1.48 1.37
C CYS A 20 5.86 0.39 2.20
N SER A 21 5.79 -0.77 1.69
CA SER A 21 6.46 -1.92 2.21
C SER A 21 7.09 -2.59 1.00
N TRP A 22 8.11 -1.91 0.48
CA TRP A 22 8.77 -2.18 -0.77
C TRP A 22 8.91 -3.68 -1.08
N PRO A 23 8.60 -4.06 -2.32
CA PRO A 23 8.19 -3.11 -3.35
C PRO A 23 6.67 -2.88 -3.41
N VAL A 24 5.92 -3.39 -2.45
CA VAL A 24 4.48 -3.29 -2.51
C VAL A 24 3.93 -2.32 -1.47
N CYS A 25 2.76 -1.83 -1.70
CA CYS A 25 2.11 -1.01 -0.75
C CYS A 25 1.18 -1.86 0.10
N THR A 26 1.21 -1.64 1.36
CA THR A 26 0.40 -2.34 2.32
C THR A 26 -0.50 -1.37 3.07
N ARG A 27 -1.14 -1.82 4.10
CA ARG A 27 -2.04 -1.03 4.83
C ARG A 27 -1.48 -0.72 6.19
N ASN A 28 -2.09 0.22 6.78
CA ASN A 28 -1.77 0.67 8.13
C ASN A 28 -3.04 1.07 8.85
N GLY A 29 -3.46 0.22 9.76
CA GLY A 29 -4.67 0.48 10.52
C GLY A 29 -5.93 0.38 9.69
N LEU A 30 -5.94 -0.50 8.72
CA LEU A 30 -7.06 -0.61 7.81
C LEU A 30 -7.58 -2.02 7.71
N PRO A 31 -8.90 -2.15 7.49
CA PRO A 31 -9.56 -3.45 7.29
C PRO A 31 -9.02 -4.14 6.06
N VAL A 32 -8.99 -5.44 6.10
CA VAL A 32 -8.49 -6.19 5.01
C VAL A 32 -9.52 -6.36 3.92
N THR A 33 -9.20 -5.79 2.81
CA THR A 33 -10.03 -5.79 1.63
C THR A 33 -9.58 -6.88 0.63
N GLY A 1 -7.26 -7.39 0.77
CA GLY A 1 -6.21 -8.04 0.04
C GLY A 1 -4.98 -8.08 0.89
N GLY A 2 -3.86 -8.36 0.28
CA GLY A 2 -2.59 -8.36 0.99
C GLY A 2 -2.03 -6.97 1.04
N GLY A 3 -2.68 -6.13 1.81
CA GLY A 3 -2.30 -4.77 1.87
C GLY A 3 -2.93 -4.02 0.73
N CYS A 4 -2.13 -3.64 -0.22
CA CYS A 4 -2.61 -2.97 -1.39
C CYS A 4 -1.98 -3.64 -2.61
N GLY A 5 -2.69 -3.69 -3.70
CA GLY A 5 -2.17 -4.31 -4.90
C GLY A 5 -1.27 -3.38 -5.68
N GLU A 6 -1.16 -2.16 -5.19
CA GLU A 6 -0.34 -1.17 -5.81
C GLU A 6 1.06 -1.25 -5.25
N THR A 7 2.01 -0.73 -5.95
CA THR A 7 3.35 -0.84 -5.57
C THR A 7 3.96 0.50 -5.19
N CYS A 8 5.08 0.45 -4.52
CA CYS A 8 5.79 1.62 -4.13
C CYS A 8 7.22 1.48 -4.50
N VAL A 9 7.45 0.79 -5.61
CA VAL A 9 8.79 0.51 -6.12
C VAL A 9 9.54 1.81 -6.36
N GLY A 10 8.81 2.82 -6.79
CA GLY A 10 9.39 4.12 -7.06
C GLY A 10 9.54 4.98 -5.80
N GLY A 11 9.06 4.48 -4.67
CA GLY A 11 9.23 5.22 -3.44
C GLY A 11 7.94 5.43 -2.66
N THR A 12 6.79 5.41 -3.32
CA THR A 12 5.56 5.70 -2.65
C THR A 12 4.39 5.10 -3.41
N CYS A 13 3.27 5.18 -2.81
CA CYS A 13 2.04 4.60 -3.30
C CYS A 13 1.18 5.67 -3.93
N ASN A 14 0.06 5.28 -4.48
CA ASN A 14 -0.86 6.20 -5.11
C ASN A 14 -1.97 6.51 -4.14
N THR A 15 -2.37 5.51 -3.40
CA THR A 15 -3.39 5.67 -2.42
C THR A 15 -2.74 6.03 -1.08
N PRO A 16 -3.17 7.14 -0.43
CA PRO A 16 -2.57 7.61 0.84
C PRO A 16 -2.91 6.74 2.04
N GLY A 17 -3.70 5.78 1.77
CA GLY A 17 -4.11 4.79 2.73
C GLY A 17 -3.19 3.59 2.68
N CYS A 18 -2.37 3.57 1.67
CA CYS A 18 -1.43 2.52 1.47
C CYS A 18 -0.05 3.00 1.88
N THR A 19 0.60 2.19 2.63
CA THR A 19 1.91 2.44 3.13
C THR A 19 2.88 1.64 2.28
N CYS A 20 4.10 2.03 2.22
CA CYS A 20 5.06 1.33 1.44
C CYS A 20 5.69 0.25 2.27
N SER A 21 5.60 -0.94 1.78
CA SER A 21 6.21 -2.07 2.35
C SER A 21 6.91 -2.72 1.16
N TRP A 22 7.87 -1.94 0.63
CA TRP A 22 8.61 -2.14 -0.60
C TRP A 22 8.85 -3.61 -0.93
N PRO A 23 8.64 -3.96 -2.20
CA PRO A 23 8.24 -3.01 -3.24
C PRO A 23 6.73 -2.80 -3.38
N VAL A 24 5.95 -3.41 -2.51
CA VAL A 24 4.52 -3.31 -2.63
C VAL A 24 3.92 -2.42 -1.55
N CYS A 25 2.76 -1.91 -1.80
CA CYS A 25 2.09 -1.13 -0.85
C CYS A 25 1.18 -1.98 0.02
N THR A 26 0.99 -1.55 1.22
CA THR A 26 0.16 -2.23 2.16
C THR A 26 -0.81 -1.29 2.82
N ARG A 27 -1.60 -1.82 3.71
CA ARG A 27 -2.61 -1.08 4.39
C ARG A 27 -2.33 -1.14 5.85
N ASN A 28 -2.14 -0.01 6.43
CA ASN A 28 -1.80 0.11 7.85
C ASN A 28 -3.04 -0.02 8.75
N GLY A 29 -3.23 -1.22 9.28
CA GLY A 29 -4.32 -1.48 10.20
C GLY A 29 -5.69 -1.22 9.60
N LEU A 30 -5.87 -1.68 8.40
CA LEU A 30 -7.10 -1.44 7.69
C LEU A 30 -7.76 -2.76 7.35
N PRO A 31 -9.09 -2.71 7.11
CA PRO A 31 -9.90 -3.89 6.77
C PRO A 31 -9.29 -4.69 5.63
N VAL A 32 -9.34 -5.99 5.75
CA VAL A 32 -8.75 -6.85 4.76
C VAL A 32 -9.45 -6.72 3.42
N THR A 33 -8.71 -6.20 2.51
CA THR A 33 -9.15 -5.95 1.16
C THR A 33 -8.13 -6.59 0.19
N GLY A 1 -5.30 -9.48 2.72
CA GLY A 1 -4.19 -10.22 2.19
C GLY A 1 -3.49 -9.48 1.07
N GLY A 2 -2.42 -8.83 1.40
CA GLY A 2 -1.65 -8.09 0.45
C GLY A 2 -1.64 -6.62 0.79
N GLY A 3 -2.74 -6.16 1.31
CA GLY A 3 -2.87 -4.77 1.67
C GLY A 3 -3.35 -3.94 0.50
N CYS A 4 -2.45 -3.62 -0.39
CA CYS A 4 -2.77 -2.85 -1.57
C CYS A 4 -2.04 -3.45 -2.76
N GLY A 5 -2.71 -3.54 -3.89
CA GLY A 5 -2.11 -4.16 -5.06
C GLY A 5 -1.13 -3.26 -5.79
N GLU A 6 -1.04 -2.04 -5.34
CA GLU A 6 -0.15 -1.07 -5.95
C GLU A 6 1.22 -1.19 -5.32
N THR A 7 2.23 -0.95 -6.08
CA THR A 7 3.56 -1.06 -5.59
C THR A 7 4.18 0.31 -5.34
N CYS A 8 5.23 0.33 -4.55
CA CYS A 8 5.91 1.55 -4.20
C CYS A 8 7.37 1.44 -4.50
N VAL A 9 7.67 0.73 -5.56
CA VAL A 9 9.04 0.51 -5.97
C VAL A 9 9.68 1.83 -6.39
N GLY A 10 8.85 2.75 -6.87
CA GLY A 10 9.30 4.06 -7.26
C GLY A 10 9.47 4.97 -6.05
N GLY A 11 8.90 4.57 -4.94
CA GLY A 11 9.08 5.31 -3.73
C GLY A 11 7.79 5.73 -3.02
N THR A 12 6.67 5.73 -3.71
CA THR A 12 5.46 6.22 -3.12
C THR A 12 4.30 5.39 -3.66
N CYS A 13 3.23 5.39 -2.94
CA CYS A 13 2.01 4.73 -3.34
C CYS A 13 1.05 5.80 -3.90
N ASN A 14 -0.04 5.38 -4.48
CA ASN A 14 -1.02 6.30 -5.05
C ASN A 14 -2.20 6.45 -4.12
N THR A 15 -2.35 5.53 -3.23
CA THR A 15 -3.37 5.62 -2.22
C THR A 15 -2.70 5.98 -0.88
N PRO A 16 -3.16 7.08 -0.21
CA PRO A 16 -2.55 7.54 1.06
C PRO A 16 -2.90 6.66 2.25
N GLY A 17 -3.69 5.70 1.94
CA GLY A 17 -4.10 4.70 2.89
C GLY A 17 -3.22 3.49 2.76
N CYS A 18 -2.40 3.50 1.74
CA CYS A 18 -1.48 2.46 1.46
C CYS A 18 -0.08 2.93 1.82
N THR A 19 0.55 2.16 2.63
CA THR A 19 1.87 2.44 3.12
C THR A 19 2.84 1.57 2.32
N CYS A 20 4.08 1.91 2.30
CA CYS A 20 5.02 1.17 1.53
C CYS A 20 5.69 0.10 2.36
N SER A 21 5.56 -1.11 1.92
CA SER A 21 6.22 -2.24 2.43
C SER A 21 6.95 -2.84 1.25
N TRP A 22 7.95 -2.07 0.79
CA TRP A 22 8.68 -2.28 -0.43
C TRP A 22 8.94 -3.75 -0.74
N PRO A 23 8.69 -4.13 -1.98
CA PRO A 23 8.27 -3.18 -3.03
C PRO A 23 6.75 -2.97 -3.17
N VAL A 24 5.94 -3.52 -2.28
CA VAL A 24 4.50 -3.41 -2.43
C VAL A 24 3.87 -2.48 -1.39
N CYS A 25 2.78 -1.86 -1.72
CA CYS A 25 2.07 -1.06 -0.81
C CYS A 25 1.11 -1.92 0.00
N THR A 26 0.89 -1.55 1.22
CA THR A 26 0.01 -2.26 2.09
C THR A 26 -0.92 -1.29 2.80
N ARG A 27 -1.65 -1.75 3.78
CA ARG A 27 -2.57 -0.95 4.47
C ARG A 27 -2.11 -0.77 5.89
N ASN A 28 -2.43 0.34 6.41
CA ASN A 28 -2.09 0.72 7.78
C ASN A 28 -3.35 1.12 8.52
N GLY A 29 -3.49 0.65 9.75
CA GLY A 29 -4.63 1.00 10.60
C GLY A 29 -5.95 0.58 10.01
N LEU A 30 -5.91 -0.45 9.20
CA LEU A 30 -7.05 -0.91 8.48
C LEU A 30 -7.24 -2.39 8.67
N PRO A 31 -8.43 -2.89 8.32
CA PRO A 31 -8.73 -4.33 8.37
C PRO A 31 -7.69 -5.09 7.55
N VAL A 32 -7.22 -6.18 8.08
CA VAL A 32 -6.15 -6.91 7.44
C VAL A 32 -6.66 -7.60 6.21
N THR A 33 -6.12 -7.17 5.15
CA THR A 33 -6.43 -7.66 3.85
C THR A 33 -5.16 -8.32 3.31
N GLY A 1 -10.73 -2.32 -1.65
CA GLY A 1 -10.34 -3.69 -1.55
C GLY A 1 -10.06 -4.03 -0.11
N GLY A 2 -9.42 -5.14 0.14
CA GLY A 2 -9.10 -5.52 1.49
C GLY A 2 -7.69 -5.14 1.84
N GLY A 3 -6.92 -4.89 0.82
CA GLY A 3 -5.55 -4.50 0.99
C GLY A 3 -5.17 -3.64 -0.15
N CYS A 4 -3.92 -3.30 -0.26
CA CYS A 4 -3.50 -2.46 -1.33
C CYS A 4 -2.79 -3.21 -2.41
N GLY A 5 -3.30 -3.10 -3.62
CA GLY A 5 -2.67 -3.70 -4.78
C GLY A 5 -1.67 -2.73 -5.38
N GLU A 6 -1.23 -1.82 -4.55
CA GLU A 6 -0.31 -0.76 -4.92
C GLU A 6 1.12 -1.23 -4.71
N THR A 7 2.02 -0.63 -5.40
CA THR A 7 3.41 -0.85 -5.24
C THR A 7 4.09 0.50 -4.99
N CYS A 8 5.20 0.50 -4.33
CA CYS A 8 5.88 1.73 -4.02
C CYS A 8 7.29 1.69 -4.51
N VAL A 9 7.47 1.01 -5.62
CA VAL A 9 8.79 0.85 -6.26
C VAL A 9 9.31 2.22 -6.68
N GLY A 10 8.38 3.07 -7.10
CA GLY A 10 8.71 4.43 -7.51
C GLY A 10 9.09 5.30 -6.33
N GLY A 11 8.76 4.86 -5.13
CA GLY A 11 9.13 5.61 -3.96
C GLY A 11 7.99 5.79 -2.98
N THR A 12 6.76 5.70 -3.43
CA THR A 12 5.62 5.91 -2.58
C THR A 12 4.44 5.20 -3.22
N CYS A 13 3.43 4.98 -2.47
CA CYS A 13 2.22 4.36 -2.94
C CYS A 13 1.34 5.46 -3.50
N ASN A 14 0.68 5.20 -4.61
CA ASN A 14 -0.18 6.21 -5.21
C ASN A 14 -1.42 6.41 -4.39
N THR A 15 -2.02 5.34 -3.96
CA THR A 15 -3.13 5.43 -3.05
C THR A 15 -2.57 5.74 -1.64
N PRO A 16 -2.99 6.89 -1.02
CA PRO A 16 -2.44 7.39 0.27
C PRO A 16 -2.83 6.57 1.48
N GLY A 17 -3.60 5.59 1.24
CA GLY A 17 -4.08 4.72 2.28
C GLY A 17 -3.22 3.47 2.43
N CYS A 18 -2.18 3.42 1.65
CA CYS A 18 -1.33 2.27 1.60
C CYS A 18 0.05 2.57 2.18
N THR A 19 0.57 1.61 2.92
CA THR A 19 1.88 1.69 3.53
C THR A 19 2.89 1.16 2.54
N CYS A 20 4.07 1.71 2.52
CA CYS A 20 5.08 1.21 1.65
C CYS A 20 5.93 0.19 2.37
N SER A 21 5.71 -1.02 2.04
CA SER A 21 6.51 -2.10 2.49
C SER A 21 7.21 -2.67 1.27
N TRP A 22 8.10 -1.81 0.73
CA TRP A 22 8.79 -1.95 -0.53
C TRP A 22 9.13 -3.38 -0.88
N PRO A 23 8.87 -3.76 -2.14
CA PRO A 23 8.36 -2.84 -3.15
C PRO A 23 6.83 -2.78 -3.23
N VAL A 24 6.15 -3.49 -2.37
CA VAL A 24 4.72 -3.55 -2.45
C VAL A 24 4.05 -2.77 -1.32
N CYS A 25 2.93 -2.19 -1.60
CA CYS A 25 2.25 -1.47 -0.62
C CYS A 25 1.23 -2.32 0.09
N THR A 26 1.12 -2.11 1.34
CA THR A 26 0.17 -2.74 2.19
C THR A 26 -0.88 -1.72 2.60
N ARG A 27 -1.73 -2.05 3.52
CA ARG A 27 -2.73 -1.17 3.94
C ARG A 27 -2.47 -0.86 5.39
N ASN A 28 -2.61 0.38 5.74
CA ASN A 28 -2.36 0.84 7.14
C ASN A 28 -3.51 0.46 8.04
N GLY A 29 -4.60 0.11 7.44
CA GLY A 29 -5.81 -0.20 8.15
C GLY A 29 -6.92 0.73 7.75
N LEU A 30 -6.58 1.88 7.21
CA LEU A 30 -7.60 2.78 6.68
C LEU A 30 -8.10 2.22 5.35
N PRO A 31 -9.36 2.47 4.99
CA PRO A 31 -10.01 1.87 3.82
C PRO A 31 -9.43 2.27 2.52
N VAL A 32 -9.32 1.28 1.73
CA VAL A 32 -8.88 1.36 0.41
C VAL A 32 -9.88 0.51 -0.37
N THR A 33 -9.95 0.73 -1.61
CA THR A 33 -10.78 -0.05 -2.51
C THR A 33 -10.26 -1.52 -2.57
N GLY A 1 -10.88 -2.44 0.57
CA GLY A 1 -10.38 -3.51 -0.21
C GLY A 1 -9.62 -4.40 0.70
N GLY A 2 -9.25 -5.57 0.24
CA GLY A 2 -8.53 -6.52 1.07
C GLY A 2 -7.18 -5.97 1.48
N GLY A 3 -6.56 -5.31 0.55
CA GLY A 3 -5.30 -4.69 0.77
C GLY A 3 -4.97 -3.88 -0.43
N CYS A 4 -3.77 -3.42 -0.54
CA CYS A 4 -3.40 -2.64 -1.69
C CYS A 4 -2.57 -3.48 -2.64
N GLY A 5 -3.08 -3.64 -3.85
CA GLY A 5 -2.45 -4.50 -4.83
C GLY A 5 -1.35 -3.83 -5.61
N GLU A 6 -1.14 -2.55 -5.40
CA GLU A 6 -0.10 -1.87 -6.13
C GLU A 6 1.23 -2.00 -5.43
N THR A 7 2.26 -1.61 -6.10
CA THR A 7 3.56 -1.64 -5.57
C THR A 7 4.13 -0.23 -5.57
N CYS A 8 5.09 0.02 -4.70
CA CYS A 8 5.66 1.33 -4.55
C CYS A 8 7.11 1.30 -4.86
N VAL A 9 7.45 0.51 -5.84
CA VAL A 9 8.84 0.36 -6.27
C VAL A 9 9.42 1.71 -6.68
N GLY A 10 8.53 2.55 -7.23
CA GLY A 10 8.89 3.88 -7.66
C GLY A 10 9.17 4.83 -6.50
N GLY A 11 8.87 4.41 -5.27
CA GLY A 11 9.17 5.22 -4.12
C GLY A 11 8.14 5.11 -3.01
N THR A 12 6.89 5.34 -3.33
CA THR A 12 5.85 5.35 -2.37
C THR A 12 4.54 5.08 -3.06
N CYS A 13 3.55 4.93 -2.28
CA CYS A 13 2.22 4.63 -2.77
C CYS A 13 1.44 5.91 -2.88
N ASN A 14 0.69 6.07 -3.96
CA ASN A 14 -0.08 7.28 -4.18
C ASN A 14 -1.25 7.36 -3.24
N THR A 15 -1.98 6.28 -3.12
CA THR A 15 -3.12 6.22 -2.22
C THR A 15 -2.61 6.23 -0.78
N PRO A 16 -3.00 7.25 0.03
CA PRO A 16 -2.51 7.43 1.43
C PRO A 16 -2.96 6.34 2.38
N GLY A 17 -3.84 5.57 1.90
CA GLY A 17 -4.36 4.42 2.61
C GLY A 17 -3.46 3.24 2.45
N CYS A 18 -2.61 3.33 1.47
CA CYS A 18 -1.66 2.31 1.18
C CYS A 18 -0.30 2.79 1.57
N THR A 19 0.34 2.03 2.35
CA THR A 19 1.60 2.34 2.90
C THR A 19 2.64 1.61 2.10
N CYS A 20 3.77 2.17 1.98
CA CYS A 20 4.79 1.58 1.22
C CYS A 20 5.65 0.70 2.08
N SER A 21 5.48 -0.56 1.92
CA SER A 21 6.30 -1.53 2.52
C SER A 21 7.11 -2.06 1.38
N TRP A 22 7.97 -1.15 0.87
CA TRP A 22 8.74 -1.31 -0.33
C TRP A 22 9.28 -2.72 -0.49
N PRO A 23 9.13 -3.27 -1.68
CA PRO A 23 8.55 -2.55 -2.81
C PRO A 23 7.03 -2.67 -2.98
N VAL A 24 6.31 -3.19 -2.00
CA VAL A 24 4.88 -3.38 -2.18
C VAL A 24 4.03 -2.43 -1.31
N CYS A 25 2.88 -2.02 -1.82
CA CYS A 25 2.00 -1.24 -1.05
C CYS A 25 1.13 -2.14 -0.23
N THR A 26 0.89 -1.74 0.95
CA THR A 26 0.08 -2.46 1.86
C THR A 26 -0.86 -1.49 2.55
N ARG A 27 -1.65 -1.96 3.47
CA ARG A 27 -2.50 -1.08 4.19
C ARG A 27 -2.24 -1.25 5.67
N ASN A 28 -1.82 -0.19 6.26
CA ASN A 28 -1.35 -0.12 7.66
C ASN A 28 -2.44 -0.30 8.72
N GLY A 29 -3.64 -0.63 8.31
CA GLY A 29 -4.70 -0.77 9.26
C GLY A 29 -5.79 0.24 9.00
N LEU A 30 -5.56 1.11 8.03
CA LEU A 30 -6.55 2.07 7.59
C LEU A 30 -7.79 1.36 7.02
N PRO A 31 -8.95 2.06 6.98
CA PRO A 31 -10.25 1.51 6.55
C PRO A 31 -10.20 0.53 5.39
N VAL A 32 -10.98 -0.53 5.54
CA VAL A 32 -11.03 -1.56 4.57
C VAL A 32 -11.92 -1.19 3.41
N THR A 33 -11.28 -0.78 2.39
CA THR A 33 -11.91 -0.38 1.16
C THR A 33 -11.49 -1.40 0.08
N GLY A 1 -10.32 -5.78 4.39
CA GLY A 1 -11.26 -4.72 4.11
C GLY A 1 -10.81 -3.92 2.94
N GLY A 2 -9.63 -3.35 3.04
CA GLY A 2 -9.07 -2.60 1.99
C GLY A 2 -7.60 -2.85 1.92
N GLY A 3 -6.85 -1.83 1.67
CA GLY A 3 -5.44 -1.98 1.51
C GLY A 3 -5.06 -1.81 0.06
N CYS A 4 -3.96 -2.38 -0.33
CA CYS A 4 -3.48 -2.23 -1.68
C CYS A 4 -2.69 -3.40 -2.18
N GLY A 5 -2.92 -3.75 -3.42
CA GLY A 5 -2.10 -4.71 -4.13
C GLY A 5 -1.21 -3.93 -5.08
N GLU A 6 -1.10 -2.65 -4.78
CA GLU A 6 -0.33 -1.70 -5.55
C GLU A 6 1.13 -1.80 -5.17
N THR A 7 1.97 -1.15 -5.88
CA THR A 7 3.34 -1.16 -5.59
C THR A 7 3.88 0.25 -5.36
N CYS A 8 4.96 0.35 -4.64
CA CYS A 8 5.58 1.61 -4.33
C CYS A 8 7.02 1.57 -4.68
N VAL A 9 7.29 0.91 -5.79
CA VAL A 9 8.65 0.68 -6.30
C VAL A 9 9.37 2.02 -6.55
N GLY A 10 8.60 3.04 -6.87
CA GLY A 10 9.13 4.35 -7.11
C GLY A 10 9.54 5.05 -5.83
N GLY A 11 8.98 4.63 -4.70
CA GLY A 11 9.32 5.24 -3.44
C GLY A 11 8.20 5.22 -2.43
N THR A 12 6.98 5.39 -2.87
CA THR A 12 5.85 5.43 -2.02
C THR A 12 4.62 5.10 -2.82
N CYS A 13 3.54 4.96 -2.17
CA CYS A 13 2.31 4.59 -2.80
C CYS A 13 1.57 5.83 -3.25
N ASN A 14 0.79 5.69 -4.30
CA ASN A 14 -0.01 6.79 -4.81
C ASN A 14 -1.37 6.79 -4.17
N THR A 15 -1.68 5.71 -3.50
CA THR A 15 -2.91 5.58 -2.77
C THR A 15 -2.60 5.84 -1.27
N PRO A 16 -3.28 6.83 -0.65
CA PRO A 16 -2.92 7.33 0.70
C PRO A 16 -3.35 6.48 1.87
N GLY A 17 -4.00 5.44 1.56
CA GLY A 17 -4.46 4.48 2.57
C GLY A 17 -3.57 3.27 2.56
N CYS A 18 -2.62 3.33 1.70
CA CYS A 18 -1.72 2.27 1.46
C CYS A 18 -0.34 2.72 1.79
N THR A 19 0.40 1.91 2.49
CA THR A 19 1.72 2.29 2.85
C THR A 19 2.70 1.46 2.10
N CYS A 20 3.88 1.90 2.10
CA CYS A 20 4.87 1.30 1.35
C CYS A 20 5.63 0.28 2.17
N SER A 21 5.67 -0.89 1.65
CA SER A 21 6.41 -1.96 2.14
C SER A 21 7.18 -2.47 0.93
N TRP A 22 7.99 -1.55 0.39
CA TRP A 22 8.74 -1.67 -0.84
C TRP A 22 9.18 -3.10 -1.14
N PRO A 23 8.93 -3.54 -2.36
CA PRO A 23 8.34 -2.69 -3.40
C PRO A 23 6.80 -2.70 -3.46
N VAL A 24 6.14 -3.33 -2.51
CA VAL A 24 4.70 -3.43 -2.58
C VAL A 24 4.00 -2.54 -1.54
N CYS A 25 2.81 -2.12 -1.83
CA CYS A 25 2.05 -1.38 -0.92
C CYS A 25 1.22 -2.30 -0.03
N THR A 26 1.00 -1.84 1.15
CA THR A 26 0.15 -2.46 2.11
C THR A 26 -0.87 -1.43 2.55
N ARG A 27 -1.27 -1.49 3.76
CA ARG A 27 -2.24 -0.67 4.30
C ARG A 27 -1.62 0.00 5.49
N ASN A 28 -2.03 1.17 5.77
CA ASN A 28 -1.46 1.95 6.88
C ASN A 28 -2.09 1.61 8.24
N GLY A 29 -1.81 0.40 8.71
CA GLY A 29 -2.34 -0.04 9.99
C GLY A 29 -3.84 -0.19 9.99
N LEU A 30 -4.39 -0.36 8.82
CA LEU A 30 -5.82 -0.52 8.66
C LEU A 30 -6.24 -1.92 9.05
N PRO A 31 -7.52 -2.10 9.45
CA PRO A 31 -8.07 -3.39 9.85
C PRO A 31 -7.80 -4.48 8.85
N VAL A 32 -7.44 -5.63 9.36
CA VAL A 32 -7.14 -6.77 8.56
C VAL A 32 -8.38 -7.20 7.83
N THR A 33 -8.27 -7.21 6.54
CA THR A 33 -9.32 -7.62 5.62
C THR A 33 -10.40 -6.52 5.47
N GLY A 1 -9.79 1.66 1.97
CA GLY A 1 -10.12 0.80 0.92
C GLY A 1 -9.92 -0.58 1.46
N GLY A 2 -10.06 -1.58 0.64
CA GLY A 2 -9.84 -2.92 1.12
C GLY A 2 -8.37 -3.17 1.33
N GLY A 3 -7.62 -2.90 0.30
CA GLY A 3 -6.21 -3.05 0.33
C GLY A 3 -5.62 -2.50 -0.92
N CYS A 4 -4.36 -2.68 -1.09
CA CYS A 4 -3.68 -2.20 -2.26
C CYS A 4 -2.91 -3.31 -2.92
N GLY A 5 -2.98 -3.34 -4.22
CA GLY A 5 -2.21 -4.26 -5.00
C GLY A 5 -1.10 -3.54 -5.70
N GLU A 6 -1.13 -2.22 -5.59
CA GLU A 6 -0.14 -1.36 -6.20
C GLU A 6 1.21 -1.51 -5.50
N THR A 7 2.26 -1.29 -6.22
CA THR A 7 3.57 -1.41 -5.72
C THR A 7 4.15 -0.02 -5.43
N CYS A 8 5.19 0.03 -4.67
CA CYS A 8 5.81 1.26 -4.31
C CYS A 8 7.29 1.20 -4.58
N VAL A 9 7.62 0.63 -5.71
CA VAL A 9 9.02 0.43 -6.12
C VAL A 9 9.76 1.78 -6.17
N GLY A 10 9.05 2.83 -6.53
CA GLY A 10 9.63 4.17 -6.59
C GLY A 10 9.51 4.91 -5.27
N GLY A 11 8.88 4.26 -4.29
CA GLY A 11 8.74 4.84 -2.98
C GLY A 11 7.52 5.72 -2.85
N THR A 12 6.48 5.44 -3.60
CA THR A 12 5.26 6.20 -3.53
C THR A 12 4.10 5.25 -3.85
N CYS A 13 2.96 5.60 -3.37
CA CYS A 13 1.74 4.87 -3.62
C CYS A 13 0.66 5.89 -4.00
N ASN A 14 -0.35 5.45 -4.70
CA ASN A 14 -1.43 6.32 -5.13
C ASN A 14 -2.43 6.45 -4.02
N THR A 15 -2.66 5.36 -3.34
CA THR A 15 -3.51 5.35 -2.20
C THR A 15 -2.67 5.76 -0.97
N PRO A 16 -2.99 6.91 -0.32
CA PRO A 16 -2.17 7.43 0.80
C PRO A 16 -2.37 6.64 2.09
N GLY A 17 -3.31 5.80 2.01
CA GLY A 17 -3.65 4.91 3.09
C GLY A 17 -2.86 3.63 2.99
N CYS A 18 -2.15 3.50 1.91
CA CYS A 18 -1.31 2.39 1.69
C CYS A 18 0.12 2.79 1.87
N THR A 19 0.74 2.06 2.72
CA THR A 19 2.05 2.27 3.18
C THR A 19 3.00 1.47 2.32
N CYS A 20 4.19 1.94 2.19
CA CYS A 20 5.14 1.29 1.39
C CYS A 20 5.97 0.34 2.20
N SER A 21 5.70 -0.89 2.04
CA SER A 21 6.48 -1.92 2.56
C SER A 21 7.14 -2.51 1.33
N TRP A 22 8.20 -1.81 0.92
CA TRP A 22 8.87 -1.98 -0.32
C TRP A 22 9.11 -3.45 -0.67
N PRO A 23 8.83 -3.81 -1.91
CA PRO A 23 8.38 -2.86 -2.93
C PRO A 23 6.85 -2.79 -3.09
N VAL A 24 6.09 -3.16 -2.10
CA VAL A 24 4.65 -3.19 -2.27
C VAL A 24 3.88 -2.28 -1.28
N CYS A 25 2.80 -1.67 -1.76
CA CYS A 25 1.98 -0.87 -0.91
C CYS A 25 0.96 -1.76 -0.21
N THR A 26 0.88 -1.62 1.07
CA THR A 26 -0.05 -2.34 1.89
C THR A 26 -0.70 -1.40 2.88
N ARG A 27 -1.43 -1.90 3.83
CA ARG A 27 -2.02 -1.13 4.82
C ARG A 27 -1.36 -1.48 6.11
N ASN A 28 -0.94 -0.49 6.80
CA ASN A 28 -0.22 -0.65 8.08
C ASN A 28 -1.15 -0.93 9.27
N GLY A 29 -2.35 -1.42 9.00
CA GLY A 29 -3.28 -1.65 10.08
C GLY A 29 -3.97 -0.39 10.50
N LEU A 30 -4.19 0.48 9.55
CA LEU A 30 -4.85 1.74 9.77
C LEU A 30 -6.32 1.61 9.30
N PRO A 31 -7.20 2.61 9.61
CA PRO A 31 -8.61 2.59 9.18
C PRO A 31 -8.81 2.28 7.68
N VAL A 32 -10.03 1.91 7.35
CA VAL A 32 -10.36 1.49 6.01
C VAL A 32 -10.28 2.65 5.03
N THR A 33 -9.29 2.59 4.24
CA THR A 33 -9.01 3.56 3.18
C THR A 33 -9.39 2.89 1.85
N GLY A 1 -9.11 -2.77 0.77
CA GLY A 1 -9.18 -4.09 0.24
C GLY A 1 -8.45 -5.01 1.17
N GLY A 2 -8.10 -6.20 0.71
CA GLY A 2 -7.35 -7.13 1.53
C GLY A 2 -5.94 -6.63 1.70
N GLY A 3 -5.45 -6.10 0.63
CA GLY A 3 -4.17 -5.49 0.59
C GLY A 3 -4.27 -4.28 -0.29
N CYS A 4 -3.22 -3.95 -0.95
CA CYS A 4 -3.23 -2.83 -1.85
C CYS A 4 -2.66 -3.24 -3.18
N GLY A 5 -3.23 -2.70 -4.23
CA GLY A 5 -2.76 -2.99 -5.58
C GLY A 5 -1.61 -2.10 -5.96
N GLU A 6 -1.20 -1.29 -5.01
CA GLU A 6 -0.15 -0.37 -5.18
C GLU A 6 1.18 -1.00 -4.83
N THR A 7 2.17 -0.59 -5.52
CA THR A 7 3.49 -0.96 -5.28
C THR A 7 4.26 0.32 -5.07
N CYS A 8 5.30 0.30 -4.31
CA CYS A 8 6.03 1.50 -4.04
C CYS A 8 7.47 1.33 -4.41
N VAL A 9 7.68 0.62 -5.50
CA VAL A 9 9.00 0.35 -6.05
C VAL A 9 9.64 1.68 -6.41
N GLY A 10 8.82 2.57 -6.97
CA GLY A 10 9.26 3.90 -7.33
C GLY A 10 9.42 4.76 -6.09
N GLY A 11 8.74 4.38 -5.04
CA GLY A 11 8.84 5.08 -3.79
C GLY A 11 7.54 5.64 -3.28
N THR A 12 6.49 5.57 -4.08
CA THR A 12 5.24 6.15 -3.70
C THR A 12 4.12 5.18 -4.04
N CYS A 13 3.05 5.32 -3.35
CA CYS A 13 1.83 4.57 -3.56
C CYS A 13 0.78 5.57 -4.03
N ASN A 14 -0.10 5.20 -4.94
CA ASN A 14 -1.17 6.13 -5.37
C ASN A 14 -2.15 6.38 -4.26
N THR A 15 -2.45 5.33 -3.53
CA THR A 15 -3.29 5.40 -2.39
C THR A 15 -2.40 5.57 -1.16
N PRO A 16 -2.46 6.74 -0.47
CA PRO A 16 -1.62 7.01 0.73
C PRO A 16 -2.13 6.29 1.96
N GLY A 17 -3.21 5.62 1.75
CA GLY A 17 -3.83 4.78 2.76
C GLY A 17 -3.08 3.47 2.82
N CYS A 18 -2.29 3.26 1.80
CA CYS A 18 -1.47 2.13 1.68
C CYS A 18 -0.06 2.55 2.01
N THR A 19 0.52 1.85 2.91
CA THR A 19 1.81 2.12 3.40
C THR A 19 2.82 1.39 2.55
N CYS A 20 3.96 1.94 2.42
CA CYS A 20 4.97 1.34 1.64
C CYS A 20 5.74 0.32 2.46
N SER A 21 5.63 -0.90 2.06
CA SER A 21 6.38 -1.97 2.62
C SER A 21 7.15 -2.51 1.42
N TRP A 22 8.08 -1.66 0.96
CA TRP A 22 8.83 -1.80 -0.26
C TRP A 22 9.18 -3.26 -0.58
N PRO A 23 8.96 -3.64 -1.82
CA PRO A 23 8.46 -2.75 -2.87
C PRO A 23 6.93 -2.71 -3.02
N VAL A 24 6.17 -3.22 -2.07
CA VAL A 24 4.73 -3.23 -2.22
C VAL A 24 4.03 -2.36 -1.19
N CYS A 25 2.87 -1.85 -1.52
CA CYS A 25 2.13 -1.09 -0.60
C CYS A 25 1.11 -1.98 0.10
N THR A 26 0.96 -1.77 1.36
CA THR A 26 0.05 -2.53 2.17
C THR A 26 -0.92 -1.63 2.92
N ARG A 27 -1.69 -2.19 3.78
CA ARG A 27 -2.67 -1.49 4.52
C ARG A 27 -2.32 -1.62 5.98
N ASN A 28 -2.17 -0.51 6.60
CA ASN A 28 -1.69 -0.43 8.00
C ASN A 28 -2.83 -0.47 9.02
N GLY A 29 -3.94 -1.05 8.67
CA GLY A 29 -5.04 -1.07 9.62
C GLY A 29 -5.98 0.09 9.43
N LEU A 30 -5.72 0.87 8.40
CA LEU A 30 -6.58 1.97 8.00
C LEU A 30 -7.88 1.40 7.43
N PRO A 31 -8.90 2.26 7.15
CA PRO A 31 -10.17 1.86 6.53
C PRO A 31 -9.96 0.99 5.30
N VAL A 32 -10.99 0.29 4.92
CA VAL A 32 -10.89 -0.71 3.92
C VAL A 32 -10.41 -0.20 2.56
N THR A 33 -9.26 -0.67 2.18
CA THR A 33 -8.71 -0.42 0.87
C THR A 33 -8.85 -1.71 0.05
N GLY A 1 -9.49 -6.33 2.48
CA GLY A 1 -8.54 -6.75 1.51
C GLY A 1 -7.18 -6.89 2.17
N GLY A 2 -6.29 -7.62 1.55
CA GLY A 2 -4.98 -7.86 2.12
C GLY A 2 -4.01 -6.71 1.92
N GLY A 3 -4.40 -5.55 2.42
CA GLY A 3 -3.58 -4.38 2.32
C GLY A 3 -3.93 -3.56 1.11
N CYS A 4 -3.07 -3.62 0.13
CA CYS A 4 -3.22 -2.92 -1.14
C CYS A 4 -2.47 -3.71 -2.20
N GLY A 5 -2.86 -3.58 -3.44
CA GLY A 5 -2.22 -4.34 -4.48
C GLY A 5 -1.34 -3.47 -5.35
N GLU A 6 -1.19 -2.23 -4.97
CA GLU A 6 -0.37 -1.30 -5.73
C GLU A 6 1.07 -1.37 -5.25
N THR A 7 1.97 -0.81 -5.99
CA THR A 7 3.35 -0.90 -5.67
C THR A 7 3.93 0.46 -5.28
N CYS A 8 5.09 0.44 -4.64
CA CYS A 8 5.76 1.64 -4.21
C CYS A 8 7.22 1.51 -4.51
N VAL A 9 7.50 0.87 -5.63
CA VAL A 9 8.88 0.61 -6.07
C VAL A 9 9.60 1.94 -6.27
N GLY A 10 8.86 2.91 -6.75
CA GLY A 10 9.40 4.23 -6.98
C GLY A 10 9.62 5.01 -5.69
N GLY A 11 9.01 4.58 -4.61
CA GLY A 11 9.20 5.26 -3.36
C GLY A 11 7.93 5.34 -2.52
N THR A 12 6.78 5.45 -3.16
CA THR A 12 5.57 5.65 -2.45
C THR A 12 4.40 5.11 -3.26
N CYS A 13 3.28 5.11 -2.64
CA CYS A 13 2.05 4.59 -3.18
C CYS A 13 1.25 5.72 -3.82
N ASN A 14 0.14 5.38 -4.43
CA ASN A 14 -0.73 6.36 -5.06
C ASN A 14 -1.87 6.62 -4.12
N THR A 15 -2.29 5.58 -3.45
CA THR A 15 -3.33 5.68 -2.47
C THR A 15 -2.68 5.96 -1.12
N PRO A 16 -3.05 7.08 -0.44
CA PRO A 16 -2.45 7.46 0.86
C PRO A 16 -2.84 6.56 2.01
N GLY A 17 -3.66 5.67 1.69
CA GLY A 17 -4.11 4.66 2.61
C GLY A 17 -3.22 3.45 2.53
N CYS A 18 -2.45 3.44 1.49
CA CYS A 18 -1.54 2.40 1.26
C CYS A 18 -0.18 2.91 1.61
N THR A 19 0.52 2.15 2.39
CA THR A 19 1.82 2.52 2.83
C THR A 19 2.81 1.52 2.24
N CYS A 20 4.02 1.93 2.10
CA CYS A 20 4.98 1.16 1.41
C CYS A 20 5.64 0.09 2.28
N SER A 21 5.60 -1.08 1.76
CA SER A 21 6.30 -2.20 2.25
C SER A 21 7.05 -2.74 1.05
N TRP A 22 7.99 -1.91 0.60
CA TRP A 22 8.75 -2.02 -0.63
C TRP A 22 9.07 -3.46 -1.03
N PRO A 23 8.88 -3.76 -2.31
CA PRO A 23 8.42 -2.78 -3.30
C PRO A 23 6.89 -2.68 -3.45
N VAL A 24 6.15 -3.27 -2.52
CA VAL A 24 4.71 -3.31 -2.65
C VAL A 24 4.00 -2.50 -1.55
N CYS A 25 2.85 -1.98 -1.85
CA CYS A 25 2.10 -1.26 -0.89
C CYS A 25 1.22 -2.17 -0.05
N THR A 26 0.97 -1.73 1.15
CA THR A 26 0.09 -2.36 2.08
C THR A 26 -0.88 -1.33 2.60
N ARG A 27 -1.55 -1.62 3.68
CA ARG A 27 -2.51 -0.72 4.22
C ARG A 27 -2.11 -0.43 5.63
N ASN A 28 -2.17 0.78 5.97
CA ASN A 28 -1.75 1.23 7.27
C ASN A 28 -2.76 2.15 7.96
N GLY A 29 -3.09 1.80 9.21
CA GLY A 29 -3.93 2.63 10.06
C GLY A 29 -5.33 2.74 9.56
N LEU A 30 -5.73 1.80 8.76
CA LEU A 30 -7.01 1.83 8.13
C LEU A 30 -7.77 0.54 8.31
N PRO A 31 -9.10 0.60 8.11
CA PRO A 31 -9.97 -0.58 8.17
C PRO A 31 -9.52 -1.65 7.20
N VAL A 32 -9.54 -2.86 7.64
CA VAL A 32 -9.09 -3.94 6.84
C VAL A 32 -10.20 -4.42 5.95
N THR A 33 -9.96 -4.30 4.71
CA THR A 33 -10.83 -4.75 3.66
C THR A 33 -9.92 -5.10 2.50
N GLY A 1 -9.56 -5.27 -1.46
CA GLY A 1 -8.72 -6.15 -2.24
C GLY A 1 -7.72 -6.86 -1.36
N GLY A 2 -8.14 -7.20 -0.16
CA GLY A 2 -7.26 -7.83 0.83
C GLY A 2 -6.34 -6.81 1.49
N GLY A 3 -5.65 -6.07 0.67
CA GLY A 3 -4.78 -5.04 1.12
C GLY A 3 -4.64 -4.03 0.01
N CYS A 4 -3.47 -3.55 -0.21
CA CYS A 4 -3.24 -2.66 -1.31
C CYS A 4 -2.38 -3.35 -2.33
N GLY A 5 -2.99 -3.70 -3.44
CA GLY A 5 -2.29 -4.45 -4.48
C GLY A 5 -1.43 -3.57 -5.35
N GLU A 6 -1.19 -2.37 -4.91
CA GLU A 6 -0.36 -1.44 -5.62
C GLU A 6 1.07 -1.57 -5.15
N THR A 7 1.99 -1.08 -5.92
CA THR A 7 3.35 -1.16 -5.58
C THR A 7 3.93 0.23 -5.33
N CYS A 8 5.05 0.31 -4.70
CA CYS A 8 5.68 1.56 -4.39
C CYS A 8 7.14 1.50 -4.72
N VAL A 9 7.43 0.88 -5.84
CA VAL A 9 8.81 0.66 -6.31
C VAL A 9 9.54 2.00 -6.49
N GLY A 10 8.78 3.03 -6.83
CA GLY A 10 9.34 4.33 -7.04
C GLY A 10 9.54 5.11 -5.74
N GLY A 11 9.03 4.58 -4.64
CA GLY A 11 9.21 5.25 -3.37
C GLY A 11 7.98 5.21 -2.48
N THR A 12 6.81 5.37 -3.07
CA THR A 12 5.62 5.42 -2.31
C THR A 12 4.44 5.02 -3.18
N CYS A 13 3.33 4.90 -2.58
CA CYS A 13 2.12 4.42 -3.20
C CYS A 13 1.32 5.60 -3.75
N ASN A 14 0.27 5.34 -4.47
CA ASN A 14 -0.59 6.39 -4.98
C ASN A 14 -1.72 6.64 -4.03
N THR A 15 -2.21 5.60 -3.43
CA THR A 15 -3.24 5.74 -2.45
C THR A 15 -2.57 6.04 -1.09
N PRO A 16 -2.94 7.16 -0.42
CA PRO A 16 -2.31 7.59 0.85
C PRO A 16 -2.69 6.72 2.04
N GLY A 17 -3.52 5.81 1.75
CA GLY A 17 -3.98 4.84 2.74
C GLY A 17 -3.19 3.57 2.63
N CYS A 18 -2.34 3.53 1.65
CA CYS A 18 -1.52 2.41 1.44
C CYS A 18 -0.10 2.77 1.81
N THR A 19 0.46 1.98 2.66
CA THR A 19 1.77 2.20 3.17
C THR A 19 2.74 1.47 2.27
N CYS A 20 3.93 1.96 2.17
CA CYS A 20 4.90 1.32 1.37
C CYS A 20 5.66 0.31 2.19
N SER A 21 5.70 -0.86 1.68
CA SER A 21 6.42 -1.97 2.20
C SER A 21 7.23 -2.47 1.02
N TRP A 22 8.03 -1.53 0.47
CA TRP A 22 8.79 -1.62 -0.75
C TRP A 22 9.26 -3.04 -1.06
N PRO A 23 9.04 -3.47 -2.29
CA PRO A 23 8.46 -2.64 -3.34
C PRO A 23 6.92 -2.67 -3.43
N VAL A 24 6.26 -3.27 -2.48
CA VAL A 24 4.82 -3.42 -2.56
C VAL A 24 4.10 -2.59 -1.48
N CYS A 25 2.89 -2.19 -1.73
CA CYS A 25 2.15 -1.46 -0.77
C CYS A 25 1.27 -2.35 0.10
N THR A 26 0.91 -1.82 1.25
CA THR A 26 0.02 -2.45 2.19
C THR A 26 -1.05 -1.46 2.58
N ARG A 27 -1.92 -1.77 3.51
CA ARG A 27 -2.94 -0.90 3.86
C ARG A 27 -2.86 -0.49 5.31
N ASN A 28 -3.13 0.74 5.52
CA ASN A 28 -3.24 1.28 6.86
C ASN A 28 -4.62 1.93 7.02
N GLY A 29 -5.46 1.31 7.81
CA GLY A 29 -6.79 1.82 8.09
C GLY A 29 -7.71 1.82 6.87
N LEU A 30 -7.53 0.87 6.00
CA LEU A 30 -8.35 0.79 4.81
C LEU A 30 -9.33 -0.34 4.87
N PRO A 31 -10.50 -0.14 4.26
CA PRO A 31 -11.49 -1.18 4.14
C PRO A 31 -11.00 -2.26 3.19
N VAL A 32 -11.42 -3.48 3.44
CA VAL A 32 -10.98 -4.58 2.64
C VAL A 32 -11.68 -4.54 1.30
N THR A 33 -10.97 -4.05 0.36
CA THR A 33 -11.47 -3.88 -0.97
C THR A 33 -10.65 -4.75 -1.96
N GLY A 1 -9.22 -6.50 -0.14
CA GLY A 1 -8.26 -6.68 -1.21
C GLY A 1 -6.92 -7.08 -0.64
N GLY A 2 -6.95 -7.68 0.54
CA GLY A 2 -5.74 -8.08 1.24
C GLY A 2 -5.09 -6.88 1.90
N GLY A 3 -4.48 -6.09 1.11
CA GLY A 3 -3.84 -4.91 1.56
C GLY A 3 -4.04 -3.83 0.55
N CYS A 4 -3.11 -3.70 -0.34
CA CYS A 4 -3.23 -2.80 -1.46
C CYS A 4 -2.59 -3.46 -2.65
N GLY A 5 -3.17 -3.29 -3.80
CA GLY A 5 -2.64 -3.93 -4.99
C GLY A 5 -1.61 -3.09 -5.66
N GLU A 6 -1.14 -2.07 -4.97
CA GLU A 6 -0.16 -1.18 -5.51
C GLU A 6 1.21 -1.67 -5.18
N THR A 7 2.13 -1.30 -5.98
CA THR A 7 3.49 -1.51 -5.71
C THR A 7 4.09 -0.14 -5.47
N CYS A 8 5.19 -0.07 -4.80
CA CYS A 8 5.76 1.19 -4.50
C CYS A 8 7.23 1.14 -4.75
N VAL A 9 7.60 0.68 -5.92
CA VAL A 9 9.00 0.54 -6.29
C VAL A 9 9.68 1.92 -6.31
N GLY A 10 8.92 2.95 -6.63
CA GLY A 10 9.42 4.31 -6.61
C GLY A 10 9.58 4.82 -5.18
N GLY A 11 8.81 4.27 -4.27
CA GLY A 11 8.92 4.63 -2.88
C GLY A 11 7.65 5.18 -2.27
N THR A 12 6.58 5.26 -3.02
CA THR A 12 5.35 5.77 -2.51
C THR A 12 4.21 5.06 -3.25
N CYS A 13 3.05 5.12 -2.70
CA CYS A 13 1.86 4.55 -3.28
C CYS A 13 0.94 5.69 -3.71
N ASN A 14 -0.08 5.39 -4.50
CA ASN A 14 -1.03 6.42 -4.93
C ASN A 14 -2.07 6.64 -3.87
N THR A 15 -2.49 5.56 -3.26
CA THR A 15 -3.48 5.64 -2.22
C THR A 15 -2.80 6.05 -0.93
N PRO A 16 -3.25 7.15 -0.28
CA PRO A 16 -2.67 7.64 0.98
C PRO A 16 -2.97 6.73 2.17
N GLY A 17 -3.71 5.74 1.87
CA GLY A 17 -4.06 4.70 2.83
C GLY A 17 -3.13 3.52 2.69
N CYS A 18 -2.38 3.52 1.62
CA CYS A 18 -1.45 2.49 1.33
C CYS A 18 -0.06 2.99 1.64
N THR A 19 0.65 2.20 2.37
CA THR A 19 1.95 2.52 2.81
C THR A 19 2.91 1.63 2.06
N CYS A 20 4.07 2.12 1.80
CA CYS A 20 5.03 1.42 1.07
C CYS A 20 5.80 0.48 1.96
N SER A 21 5.74 -0.76 1.60
CA SER A 21 6.48 -1.80 2.21
C SER A 21 7.24 -2.42 1.04
N TRP A 22 8.23 -1.66 0.59
CA TRP A 22 8.97 -1.87 -0.64
C TRP A 22 9.29 -3.34 -0.90
N PRO A 23 9.05 -3.77 -2.14
CA PRO A 23 8.54 -2.91 -3.20
C PRO A 23 7.02 -2.88 -3.34
N VAL A 24 6.29 -3.33 -2.33
CA VAL A 24 4.85 -3.40 -2.45
C VAL A 24 4.10 -2.52 -1.45
N CYS A 25 2.94 -2.07 -1.82
CA CYS A 25 2.13 -1.31 -0.95
C CYS A 25 1.30 -2.20 -0.06
N THR A 26 1.04 -1.72 1.11
CA THR A 26 0.20 -2.34 2.10
C THR A 26 -0.71 -1.26 2.61
N ARG A 27 -1.52 -1.51 3.60
CA ARG A 27 -2.36 -0.54 4.10
C ARG A 27 -2.13 -0.37 5.57
N ASN A 28 -2.55 0.73 6.05
CA ASN A 28 -2.41 1.08 7.45
C ASN A 28 -3.73 1.59 7.95
N GLY A 29 -4.13 1.13 9.12
CA GLY A 29 -5.38 1.57 9.73
C GLY A 29 -6.59 1.26 8.88
N LEU A 30 -6.46 0.28 8.02
CA LEU A 30 -7.51 -0.06 7.12
C LEU A 30 -7.99 -1.46 7.33
N PRO A 31 -9.29 -1.67 7.13
CA PRO A 31 -9.89 -2.99 7.22
C PRO A 31 -9.38 -3.87 6.09
N VAL A 32 -9.53 -5.16 6.24
CA VAL A 32 -9.06 -6.06 5.23
C VAL A 32 -10.00 -6.02 4.04
N THR A 33 -9.51 -5.52 2.98
CA THR A 33 -10.23 -5.40 1.76
C THR A 33 -9.22 -5.42 0.61
N GLY A 1 -7.69 -8.48 1.30
CA GLY A 1 -6.82 -9.34 0.55
C GLY A 1 -5.49 -9.44 1.25
N GLY A 2 -4.45 -9.74 0.50
CA GLY A 2 -3.12 -9.87 1.07
C GLY A 2 -2.58 -8.54 1.56
N GLY A 3 -2.85 -7.51 0.82
CA GLY A 3 -2.42 -6.17 1.17
C GLY A 3 -3.06 -5.19 0.24
N CYS A 4 -2.28 -4.31 -0.31
CA CYS A 4 -2.78 -3.38 -1.31
C CYS A 4 -2.31 -3.83 -2.67
N GLY A 5 -2.92 -3.34 -3.71
CA GLY A 5 -2.61 -3.80 -5.04
C GLY A 5 -1.54 -2.97 -5.70
N GLU A 6 -1.30 -1.80 -5.18
CA GLU A 6 -0.32 -0.93 -5.77
C GLU A 6 1.05 -1.16 -5.17
N THR A 7 2.06 -1.01 -5.97
CA THR A 7 3.40 -1.21 -5.55
C THR A 7 4.15 0.11 -5.48
N CYS A 8 5.19 0.16 -4.70
CA CYS A 8 5.94 1.38 -4.50
C CYS A 8 7.40 1.16 -4.79
N VAL A 9 7.65 0.38 -5.81
CA VAL A 9 9.01 0.02 -6.23
C VAL A 9 9.85 1.28 -6.51
N GLY A 10 9.20 2.30 -7.03
CA GLY A 10 9.89 3.53 -7.35
C GLY A 10 9.76 4.57 -6.25
N GLY A 11 9.22 4.20 -5.12
CA GLY A 11 9.11 5.14 -4.04
C GLY A 11 7.96 4.90 -3.09
N THR A 12 6.79 5.35 -3.47
CA THR A 12 5.65 5.36 -2.60
C THR A 12 4.40 5.29 -3.50
N CYS A 13 3.30 4.96 -2.93
CA CYS A 13 2.05 4.93 -3.64
C CYS A 13 1.28 6.21 -3.34
N ASN A 14 0.32 6.51 -4.18
CA ASN A 14 -0.47 7.73 -4.05
C ASN A 14 -1.72 7.48 -3.24
N THR A 15 -2.07 6.21 -3.08
CA THR A 15 -3.22 5.82 -2.33
C THR A 15 -2.92 6.02 -0.82
N PRO A 16 -3.64 6.94 -0.15
CA PRO A 16 -3.36 7.31 1.25
C PRO A 16 -3.69 6.22 2.26
N GLY A 17 -4.32 5.25 1.77
CA GLY A 17 -4.71 4.10 2.57
C GLY A 17 -3.66 3.02 2.52
N CYS A 18 -2.76 3.14 1.57
CA CYS A 18 -1.74 2.16 1.38
C CYS A 18 -0.37 2.78 1.57
N THR A 19 0.38 2.20 2.43
CA THR A 19 1.69 2.64 2.82
C THR A 19 2.72 1.77 2.12
N CYS A 20 3.91 2.26 1.94
CA CYS A 20 4.91 1.53 1.24
C CYS A 20 5.70 0.62 2.15
N SER A 21 5.64 -0.64 1.86
CA SER A 21 6.45 -1.62 2.47
C SER A 21 7.13 -2.30 1.30
N TRP A 22 8.12 -1.58 0.76
CA TRP A 22 8.82 -1.89 -0.46
C TRP A 22 9.06 -3.37 -0.65
N PRO A 23 8.82 -3.85 -1.87
CA PRO A 23 8.41 -3.00 -2.99
C PRO A 23 6.90 -2.84 -3.17
N VAL A 24 6.12 -3.29 -2.23
CA VAL A 24 4.69 -3.25 -2.39
C VAL A 24 4.03 -2.30 -1.39
N CYS A 25 2.86 -1.84 -1.68
CA CYS A 25 2.16 -1.08 -0.76
C CYS A 25 1.18 -1.93 -0.01
N THR A 26 1.06 -1.62 1.22
CA THR A 26 0.23 -2.32 2.11
C THR A 26 -0.70 -1.40 2.85
N ARG A 27 -1.38 -1.89 3.83
CA ARG A 27 -2.41 -1.19 4.44
C ARG A 27 -1.95 -0.55 5.69
N ASN A 28 -2.60 0.49 5.99
CA ASN A 28 -2.48 1.17 7.27
C ASN A 28 -3.90 1.47 7.73
N GLY A 29 -4.32 0.83 8.79
CA GLY A 29 -5.66 1.03 9.33
C GLY A 29 -6.73 0.22 8.59
N LEU A 30 -6.53 0.04 7.30
CA LEU A 30 -7.45 -0.68 6.43
C LEU A 30 -7.67 -2.12 6.83
N PRO A 31 -8.87 -2.63 6.54
CA PRO A 31 -9.25 -3.99 6.86
C PRO A 31 -8.64 -4.98 5.89
N VAL A 32 -8.63 -6.23 6.28
CA VAL A 32 -8.02 -7.24 5.47
C VAL A 32 -9.02 -7.71 4.42
N THR A 33 -8.87 -7.19 3.27
CA THR A 33 -9.70 -7.55 2.14
C THR A 33 -8.98 -8.57 1.26
N GLY A 1 -8.17 -7.73 0.24
CA GLY A 1 -7.04 -7.72 -0.68
C GLY A 1 -5.74 -8.06 0.01
N GLY A 2 -5.80 -8.20 1.31
CA GLY A 2 -4.63 -8.44 2.10
C GLY A 2 -4.05 -7.12 2.52
N GLY A 3 -3.31 -6.55 1.62
CA GLY A 3 -2.73 -5.25 1.82
C GLY A 3 -3.31 -4.29 0.81
N CYS A 4 -2.56 -4.00 -0.20
CA CYS A 4 -3.01 -3.15 -1.27
C CYS A 4 -2.46 -3.71 -2.57
N GLY A 5 -3.15 -3.47 -3.66
CA GLY A 5 -2.69 -3.95 -4.95
C GLY A 5 -1.75 -2.96 -5.59
N GLU A 6 -1.38 -1.99 -4.80
CA GLU A 6 -0.51 -0.92 -5.18
C GLU A 6 0.92 -1.38 -4.98
N THR A 7 1.81 -0.82 -5.71
CA THR A 7 3.19 -1.04 -5.54
C THR A 7 3.88 0.30 -5.39
N CYS A 8 5.00 0.33 -4.73
CA CYS A 8 5.68 1.57 -4.46
C CYS A 8 7.14 1.46 -4.76
N VAL A 9 7.44 0.77 -5.84
CA VAL A 9 8.82 0.53 -6.29
C VAL A 9 9.56 1.86 -6.47
N GLY A 10 8.81 2.90 -6.80
CA GLY A 10 9.36 4.22 -6.99
C GLY A 10 9.63 4.97 -5.70
N GLY A 11 9.04 4.52 -4.60
CA GLY A 11 9.27 5.18 -3.33
C GLY A 11 8.02 5.35 -2.48
N THR A 12 6.88 5.54 -3.08
CA THR A 12 5.66 5.78 -2.34
C THR A 12 4.52 5.27 -3.19
N CYS A 13 3.42 5.01 -2.57
CA CYS A 13 2.24 4.52 -3.22
C CYS A 13 1.38 5.67 -3.69
N ASN A 14 0.42 5.40 -4.54
CA ASN A 14 -0.48 6.43 -5.02
C ASN A 14 -1.62 6.60 -4.05
N THR A 15 -2.22 5.49 -3.69
CA THR A 15 -3.28 5.48 -2.71
C THR A 15 -2.67 5.78 -1.31
N PRO A 16 -3.10 6.90 -0.65
CA PRO A 16 -2.50 7.36 0.64
C PRO A 16 -2.83 6.51 1.83
N GLY A 17 -3.66 5.58 1.59
CA GLY A 17 -4.08 4.64 2.59
C GLY A 17 -3.18 3.44 2.59
N CYS A 18 -2.31 3.39 1.62
CA CYS A 18 -1.42 2.31 1.46
C CYS A 18 0.00 2.74 1.81
N THR A 19 0.60 1.99 2.68
CA THR A 19 1.92 2.24 3.18
C THR A 19 2.90 1.51 2.27
N CYS A 20 4.05 2.05 2.11
CA CYS A 20 5.02 1.45 1.28
C CYS A 20 5.87 0.46 2.04
N SER A 21 5.57 -0.78 1.83
CA SER A 21 6.34 -1.86 2.32
C SER A 21 7.09 -2.44 1.12
N TRP A 22 7.96 -1.58 0.61
CA TRP A 22 8.69 -1.71 -0.65
C TRP A 22 9.07 -3.15 -0.98
N PRO A 23 8.84 -3.55 -2.22
CA PRO A 23 8.30 -2.67 -3.25
C PRO A 23 6.76 -2.70 -3.34
N VAL A 24 6.10 -3.32 -2.40
CA VAL A 24 4.66 -3.45 -2.48
C VAL A 24 3.96 -2.61 -1.42
N CYS A 25 2.79 -2.15 -1.70
CA CYS A 25 2.07 -1.38 -0.76
C CYS A 25 1.13 -2.24 0.08
N THR A 26 1.05 -1.91 1.32
CA THR A 26 0.16 -2.52 2.26
C THR A 26 -0.81 -1.46 2.78
N ARG A 27 -1.69 -1.78 3.69
CA ARG A 27 -2.62 -0.86 4.12
C ARG A 27 -2.50 -0.56 5.59
N ASN A 28 -2.94 0.58 5.95
CA ASN A 28 -2.97 1.03 7.33
C ASN A 28 -4.25 1.79 7.60
N GLY A 29 -4.95 1.39 8.66
CA GLY A 29 -6.21 2.01 9.02
C GLY A 29 -7.26 1.77 7.96
N LEU A 30 -7.21 0.61 7.35
CA LEU A 30 -8.13 0.26 6.29
C LEU A 30 -8.77 -1.09 6.50
N PRO A 31 -9.92 -1.33 5.81
CA PRO A 31 -10.64 -2.60 5.87
C PRO A 31 -9.79 -3.73 5.35
N VAL A 32 -10.00 -4.89 5.89
CA VAL A 32 -9.29 -6.02 5.48
C VAL A 32 -9.90 -6.62 4.22
N THR A 33 -9.29 -6.30 3.12
CA THR A 33 -9.69 -6.78 1.85
C THR A 33 -8.50 -6.65 0.90
N GLY A 1 -6.78 -8.11 -1.46
CA GLY A 1 -5.92 -9.22 -1.84
C GLY A 1 -5.02 -9.62 -0.69
N GLY A 2 -3.84 -9.08 -0.68
CA GLY A 2 -2.89 -9.36 0.36
C GLY A 2 -2.39 -8.07 0.99
N GLY A 3 -3.21 -7.05 0.90
CA GLY A 3 -2.91 -5.77 1.46
C GLY A 3 -3.49 -4.69 0.59
N CYS A 4 -2.67 -4.19 -0.28
CA CYS A 4 -3.07 -3.24 -1.30
C CYS A 4 -2.52 -3.73 -2.61
N GLY A 5 -3.19 -3.40 -3.70
CA GLY A 5 -2.71 -3.80 -5.01
C GLY A 5 -1.78 -2.76 -5.57
N GLU A 6 -1.32 -1.92 -4.68
CA GLU A 6 -0.44 -0.84 -4.97
C GLU A 6 0.99 -1.29 -4.81
N THR A 7 1.86 -0.69 -5.54
CA THR A 7 3.24 -0.92 -5.41
C THR A 7 3.94 0.42 -5.20
N CYS A 8 5.06 0.42 -4.53
CA CYS A 8 5.74 1.64 -4.21
C CYS A 8 7.18 1.55 -4.59
N VAL A 9 7.42 0.92 -5.70
CA VAL A 9 8.78 0.71 -6.21
C VAL A 9 9.46 2.05 -6.43
N GLY A 10 8.69 3.03 -6.89
CA GLY A 10 9.20 4.35 -7.14
C GLY A 10 9.35 5.20 -5.89
N GLY A 11 9.05 4.64 -4.74
CA GLY A 11 9.23 5.37 -3.51
C GLY A 11 7.99 5.48 -2.65
N THR A 12 6.83 5.47 -3.26
CA THR A 12 5.61 5.63 -2.55
C THR A 12 4.48 5.05 -3.33
N CYS A 13 3.35 5.01 -2.73
CA CYS A 13 2.15 4.45 -3.30
C CYS A 13 1.30 5.60 -3.85
N ASN A 14 0.33 5.31 -4.67
CA ASN A 14 -0.54 6.35 -5.23
C ASN A 14 -1.64 6.58 -4.23
N THR A 15 -2.12 5.49 -3.72
CA THR A 15 -3.13 5.47 -2.71
C THR A 15 -2.48 5.81 -1.36
N PRO A 16 -2.86 6.96 -0.75
CA PRO A 16 -2.24 7.47 0.50
C PRO A 16 -2.65 6.70 1.73
N GLY A 17 -3.46 5.76 1.51
CA GLY A 17 -3.92 4.87 2.54
C GLY A 17 -3.11 3.62 2.60
N CYS A 18 -2.32 3.42 1.58
CA CYS A 18 -1.49 2.27 1.48
C CYS A 18 -0.07 2.67 1.81
N THR A 19 0.50 1.96 2.72
CA THR A 19 1.81 2.23 3.20
C THR A 19 2.81 1.47 2.35
N CYS A 20 4.00 1.95 2.27
CA CYS A 20 4.98 1.31 1.45
C CYS A 20 5.76 0.28 2.23
N SER A 21 5.63 -0.93 1.81
CA SER A 21 6.32 -2.04 2.34
C SER A 21 7.12 -2.59 1.17
N TRP A 22 7.97 -1.69 0.62
CA TRP A 22 8.71 -1.82 -0.61
C TRP A 22 9.10 -3.27 -0.95
N PRO A 23 8.85 -3.65 -2.19
CA PRO A 23 8.32 -2.76 -3.22
C PRO A 23 6.79 -2.73 -3.31
N VAL A 24 6.11 -3.38 -2.40
CA VAL A 24 4.67 -3.43 -2.47
C VAL A 24 4.01 -2.60 -1.38
N CYS A 25 2.84 -2.13 -1.64
CA CYS A 25 2.13 -1.37 -0.68
C CYS A 25 1.20 -2.23 0.15
N THR A 26 1.09 -1.87 1.38
CA THR A 26 0.26 -2.51 2.35
C THR A 26 -0.83 -1.55 2.81
N ARG A 27 -1.69 -1.99 3.69
CA ARG A 27 -2.75 -1.21 4.13
C ARG A 27 -2.70 -0.98 5.61
N ASN A 28 -3.20 0.13 5.97
CA ASN A 28 -3.40 0.49 7.36
C ASN A 28 -4.80 1.03 7.47
N GLY A 29 -5.62 0.37 8.25
CA GLY A 29 -7.03 0.75 8.43
C GLY A 29 -7.92 0.35 7.25
N LEU A 30 -7.36 0.38 6.05
CA LEU A 30 -8.08 0.07 4.83
C LEU A 30 -8.48 -1.39 4.73
N PRO A 31 -9.54 -1.66 3.96
CA PRO A 31 -9.99 -3.02 3.68
C PRO A 31 -8.91 -3.80 2.95
N VAL A 32 -8.71 -5.04 3.37
CA VAL A 32 -7.70 -5.87 2.78
C VAL A 32 -8.01 -6.16 1.33
N THR A 33 -7.18 -5.65 0.52
CA THR A 33 -7.28 -5.82 -0.88
C THR A 33 -6.29 -6.89 -1.31
N GLY A 1 -6.68 -8.99 0.89
CA GLY A 1 -5.62 -9.60 0.13
C GLY A 1 -4.31 -9.45 0.87
N GLY A 2 -3.36 -8.82 0.23
CA GLY A 2 -2.07 -8.59 0.84
C GLY A 2 -1.92 -7.13 1.21
N GLY A 3 -3.05 -6.48 1.42
CA GLY A 3 -3.06 -5.10 1.78
C GLY A 3 -3.56 -4.27 0.64
N CYS A 4 -2.66 -3.95 -0.25
CA CYS A 4 -2.98 -3.18 -1.43
C CYS A 4 -2.33 -3.77 -2.64
N GLY A 5 -2.91 -3.54 -3.79
CA GLY A 5 -2.35 -4.00 -5.04
C GLY A 5 -1.50 -2.90 -5.64
N GLU A 6 -1.17 -1.97 -4.79
CA GLU A 6 -0.37 -0.84 -5.13
C GLU A 6 1.07 -1.21 -4.88
N THR A 7 1.93 -0.67 -5.63
CA THR A 7 3.30 -0.94 -5.51
C THR A 7 4.09 0.36 -5.39
N CYS A 8 5.16 0.33 -4.65
CA CYS A 8 5.94 1.50 -4.41
C CYS A 8 7.38 1.26 -4.74
N VAL A 9 7.58 0.47 -5.77
CA VAL A 9 8.92 0.09 -6.25
C VAL A 9 9.72 1.35 -6.58
N GLY A 10 9.04 2.35 -7.09
CA GLY A 10 9.67 3.59 -7.44
C GLY A 10 9.63 4.62 -6.32
N GLY A 11 9.13 4.26 -5.16
CA GLY A 11 9.10 5.21 -4.07
C GLY A 11 7.98 4.98 -3.08
N THR A 12 6.78 5.43 -3.42
CA THR A 12 5.65 5.43 -2.52
C THR A 12 4.40 5.26 -3.37
N CYS A 13 3.32 4.95 -2.77
CA CYS A 13 2.04 4.86 -3.45
C CYS A 13 1.26 6.13 -3.22
N ASN A 14 0.45 6.50 -4.19
CA ASN A 14 -0.33 7.72 -4.07
C ASN A 14 -1.72 7.45 -3.53
N THR A 15 -1.99 6.20 -3.28
CA THR A 15 -3.19 5.81 -2.60
C THR A 15 -2.88 5.91 -1.09
N PRO A 16 -3.51 6.89 -0.37
CA PRO A 16 -3.12 7.24 1.02
C PRO A 16 -3.42 6.20 2.07
N GLY A 17 -4.16 5.27 1.68
CA GLY A 17 -4.52 4.18 2.55
C GLY A 17 -3.49 3.08 2.49
N CYS A 18 -2.68 3.15 1.47
CA CYS A 18 -1.68 2.18 1.24
C CYS A 18 -0.32 2.73 1.60
N THR A 19 0.37 2.02 2.44
CA THR A 19 1.67 2.42 2.91
C THR A 19 2.71 1.57 2.19
N CYS A 20 3.86 2.13 1.96
CA CYS A 20 4.89 1.45 1.28
C CYS A 20 5.60 0.50 2.20
N SER A 21 5.65 -0.70 1.77
CA SER A 21 6.34 -1.75 2.38
C SER A 21 7.16 -2.40 1.27
N TRP A 22 8.02 -1.55 0.69
CA TRP A 22 8.81 -1.80 -0.51
C TRP A 22 9.16 -3.26 -0.75
N PRO A 23 8.96 -3.71 -1.99
CA PRO A 23 8.49 -2.85 -3.09
C PRO A 23 6.96 -2.76 -3.23
N VAL A 24 6.23 -3.32 -2.29
CA VAL A 24 4.80 -3.35 -2.41
C VAL A 24 4.11 -2.52 -1.34
N CYS A 25 2.95 -2.04 -1.64
CA CYS A 25 2.20 -1.31 -0.67
C CYS A 25 1.19 -2.19 0.05
N THR A 26 1.00 -1.86 1.29
CA THR A 26 0.10 -2.52 2.20
C THR A 26 -0.88 -1.48 2.71
N ARG A 27 -1.56 -1.77 3.78
CA ARG A 27 -2.46 -0.87 4.37
C ARG A 27 -2.08 -0.64 5.79
N ASN A 28 -2.58 0.40 6.33
CA ASN A 28 -2.35 0.76 7.70
C ASN A 28 -3.66 1.26 8.28
N GLY A 29 -3.98 0.82 9.48
CA GLY A 29 -5.22 1.23 10.15
C GLY A 29 -6.47 0.84 9.39
N LEU A 30 -6.32 -0.05 8.46
CA LEU A 30 -7.38 -0.45 7.58
C LEU A 30 -7.53 -1.92 7.56
N PRO A 31 -8.71 -2.39 7.18
CA PRO A 31 -8.96 -3.81 7.01
C PRO A 31 -8.06 -4.36 5.91
N VAL A 32 -7.50 -5.52 6.15
CA VAL A 32 -6.57 -6.09 5.22
C VAL A 32 -7.34 -6.91 4.21
N THR A 33 -7.29 -6.47 3.02
CA THR A 33 -7.88 -7.18 1.95
C THR A 33 -6.75 -7.68 1.05
#